data_4R21
#
_entry.id   4R21
#
_cell.length_a   55.940
_cell.length_b   78.630
_cell.length_c   95.410
_cell.angle_alpha   90.00
_cell.angle_beta   92.03
_cell.angle_gamma   90.00
#
_symmetry.space_group_name_H-M   'P 1 21 1'
#
loop_
_entity.id
_entity.type
_entity.pdbx_description
1 polymer 'Cytochrome P450 family 17 polypeptide 2'
2 non-polymer 'PROTOPORPHYRIN IX CONTAINING FE'
3 non-polymer PROGESTERONE
4 water water
#
_entity_poly.entity_id   1
_entity_poly.type   'polypeptide(L)'
_entity_poly.pdbx_seq_one_letter_code
;MAKKTSSKGKEGVGSSSVSFPCLPRLPLLGSLLHLRSNLPPHLLFTQLSSQYGPLFGLYAGPHLTLVVSEIGLVREVLLQ
RGREFAGRPKMVTTDLLTQGGKDIAFADYSPLWKNHRRLVHSSFTLFGEGSNKLQTIVQEAADSLCEELQACRGQSSDLS
VVLMRAVTNVICRLVFSSSYQPSDPELQTVIQYNDGIVQTIARGGLVDIFPWLRIFPNKDLKRLKECVSIRDQLLYKKLL
EHKKSLTPGEPRDLLDALLIGQQRGSGGADDITEDHVLMTAAEAFGAGVETTSTTLLWTIAFLLHHPQLQERVQAELDEC
VGVDRPPCLSDRPHLPLLDAVLCEVMRIRPVSPILIPHVAMQDTSLGGHSVPKGTRVLVNMWAIHHDPKHWDQPEQFNPE
RFLEPSGKKKTQSSFLPFGAGPRVCVGESLARIELFLFVSRPLQRFSFSCPSEASLPDLQGRFGVVLQPERYTVTVTPRH
HHHHHH
;
_entity_poly.pdbx_strand_id   A,B
#
loop_
_chem_comp.id
_chem_comp.type
_chem_comp.name
_chem_comp.formula
HEM non-polymer 'PROTOPORPHYRIN IX CONTAINING FE' 'C34 H32 Fe N4 O4'
STR non-polymer PROGESTERONE 'C21 H30 O2'
#
# COMPACT_ATOMS: atom_id res chain seq x y z
N ASN A 38 37.67 -17.04 11.67
CA ASN A 38 38.33 -17.68 12.86
C ASN A 38 37.45 -17.59 14.09
N LEU A 39 37.08 -16.37 14.50
CA LEU A 39 36.39 -16.16 15.77
C LEU A 39 35.58 -14.87 15.75
N PRO A 40 34.32 -14.92 16.16
CA PRO A 40 33.53 -13.71 15.94
C PRO A 40 34.09 -12.50 16.69
N PRO A 41 33.93 -11.31 16.12
CA PRO A 41 34.48 -10.16 16.82
C PRO A 41 34.09 -10.01 18.31
N HIS A 42 32.87 -10.36 18.71
CA HIS A 42 32.47 -10.11 20.10
C HIS A 42 33.27 -10.96 21.06
N LEU A 43 33.54 -12.20 20.68
CA LEU A 43 34.41 -13.07 21.48
C LEU A 43 35.89 -12.70 21.36
N LEU A 44 36.30 -12.32 20.16
CA LEU A 44 37.71 -11.99 19.93
C LEU A 44 38.14 -10.89 20.85
N PHE A 45 37.38 -9.79 20.89
CA PHE A 45 37.75 -8.63 21.69
C PHE A 45 37.49 -8.89 23.16
N THR A 46 36.57 -9.79 23.46
CA THR A 46 36.38 -10.16 24.85
C THR A 46 37.65 -10.85 25.34
N GLN A 47 38.08 -11.86 24.58
CA GLN A 47 39.30 -12.61 24.82
C GLN A 47 40.57 -11.75 24.89
N LEU A 48 40.69 -10.70 24.09
CA LEU A 48 41.92 -9.90 24.15
C LEU A 48 41.95 -8.99 25.35
N SER A 49 40.83 -8.82 26.02
CA SER A 49 40.75 -7.81 27.05
C SER A 49 41.49 -8.22 28.30
N SER A 50 41.58 -9.51 28.51
CA SER A 50 42.41 -10.04 29.56
C SER A 50 43.85 -9.54 29.44
N GLN A 51 44.48 -9.86 28.31
CA GLN A 51 45.94 -9.69 28.21
C GLN A 51 46.30 -8.28 27.78
N TYR A 52 45.60 -7.76 26.79
CA TYR A 52 45.81 -6.40 26.31
C TYR A 52 44.63 -5.66 26.90
N GLY A 53 44.46 -4.37 26.66
CA GLY A 53 43.40 -3.66 27.44
C GLY A 53 41.94 -4.03 27.14
N PRO A 54 40.99 -3.26 27.67
CA PRO A 54 39.56 -3.38 27.30
C PRO A 54 39.08 -2.32 26.29
N LEU A 55 39.96 -1.42 25.88
CA LEU A 55 39.71 -0.45 24.85
C LEU A 55 40.72 -0.66 23.68
N PHE A 56 40.18 -0.81 22.48
CA PHE A 56 40.92 -1.18 21.28
C PHE A 56 40.55 -0.24 20.18
N GLY A 57 41.53 0.20 19.41
CA GLY A 57 41.32 1.10 18.28
C GLY A 57 41.67 0.42 16.96
N LEU A 58 40.65 0.28 16.13
CA LEU A 58 40.79 -0.27 14.81
C LEU A 58 40.78 0.90 13.86
N TYR A 59 41.61 0.83 12.81
CA TYR A 59 41.62 1.88 11.78
C TYR A 59 41.16 1.37 10.41
N ALA A 60 40.36 2.16 9.72
CA ALA A 60 39.92 1.82 8.37
C ALA A 60 39.35 3.04 7.67
N GLY A 61 40.06 3.56 6.68
CA GLY A 61 39.64 4.77 6.01
C GLY A 61 39.98 5.96 6.88
N PRO A 62 39.11 6.98 6.89
CA PRO A 62 39.42 8.12 7.74
C PRO A 62 38.93 7.94 9.18
N HIS A 63 38.02 7.00 9.44
CA HIS A 63 37.36 6.90 10.74
C HIS A 63 38.05 5.94 11.72
N LEU A 64 38.24 6.42 12.94
CA LEU A 64 38.72 5.56 14.00
C LEU A 64 37.52 4.79 14.55
N THR A 65 37.75 3.53 14.88
CA THR A 65 36.72 2.71 15.53
C THR A 65 37.23 2.09 16.85
N LEU A 66 36.68 2.57 17.98
CA LEU A 66 37.03 2.06 19.29
C LEU A 66 36.13 0.89 19.69
N VAL A 67 36.67 -0.15 20.28
CA VAL A 67 35.84 -1.21 20.80
C VAL A 67 36.00 -1.25 22.31
N VAL A 68 34.86 -1.18 23.01
CA VAL A 68 34.82 -1.04 24.47
C VAL A 68 34.29 -2.29 25.17
N SER A 69 35.15 -2.98 25.95
CA SER A 69 34.79 -4.28 26.56
C SER A 69 34.77 -4.33 28.09
N GLU A 70 34.48 -3.22 28.75
CA GLU A 70 34.50 -3.18 30.19
C GLU A 70 33.50 -2.17 30.67
N ILE A 71 32.75 -2.54 31.72
CA ILE A 71 31.57 -1.82 32.21
C ILE A 71 31.80 -0.35 32.49
N GLY A 72 32.85 0.01 33.19
CA GLY A 72 33.12 1.43 33.46
C GLY A 72 33.29 2.22 32.18
N LEU A 73 34.03 1.65 31.25
CA LEU A 73 34.19 2.34 30.00
C LEU A 73 32.86 2.41 29.35
N VAL A 74 32.13 1.30 29.25
CA VAL A 74 30.87 1.42 28.53
C VAL A 74 29.94 2.41 29.24
N ARG A 75 29.97 2.44 30.56
CA ARG A 75 29.12 3.37 31.26
C ARG A 75 29.53 4.78 30.90
N GLU A 76 30.81 4.99 30.66
CA GLU A 76 31.26 6.32 30.33
C GLU A 76 30.62 6.77 29.02
N VAL A 77 30.50 5.82 28.09
CA VAL A 77 29.97 6.11 26.75
C VAL A 77 28.45 6.26 26.76
N LEU A 78 27.76 5.49 27.59
CA LEU A 78 26.33 5.45 27.52
C LEU A 78 25.69 6.47 28.45
N LEU A 79 26.02 6.39 29.74
CA LEU A 79 25.61 7.36 30.73
C LEU A 79 26.50 8.59 30.78
N GLN A 80 27.73 8.46 31.29
CA GLN A 80 28.53 9.62 31.75
C GLN A 80 28.74 10.70 30.70
N ARG A 81 29.05 10.31 29.47
CA ARG A 81 29.13 11.26 28.35
C ARG A 81 28.22 10.72 27.26
N GLY A 82 27.04 10.30 27.68
CA GLY A 82 26.02 9.78 26.79
C GLY A 82 25.69 10.70 25.64
N ARG A 83 25.66 12.01 25.90
CA ARG A 83 25.27 12.99 24.90
C ARG A 83 26.34 13.17 23.81
N GLU A 84 27.59 13.17 24.23
CA GLU A 84 28.70 13.32 23.30
C GLU A 84 28.75 12.18 22.26
N PHE A 85 28.41 10.98 22.71
CA PHE A 85 28.59 9.78 21.93
C PHE A 85 27.25 9.30 21.41
N ALA A 86 26.29 10.21 21.31
CA ALA A 86 24.90 9.86 20.91
C ALA A 86 24.63 10.03 19.41
N GLY A 87 25.69 9.98 18.62
CA GLY A 87 25.57 10.15 17.17
C GLY A 87 25.47 8.79 16.55
N ARG A 88 24.98 8.73 15.32
CA ARG A 88 24.92 7.47 14.54
C ARG A 88 25.57 7.63 13.18
N PRO A 89 25.96 6.51 12.59
CA PRO A 89 26.72 6.57 11.36
C PRO A 89 25.80 6.50 10.17
N LYS A 90 26.11 7.22 9.09
CA LYS A 90 25.22 7.28 7.96
C LYS A 90 25.71 6.35 6.85
N MET A 91 25.24 5.12 6.88
CA MET A 91 25.62 4.11 5.91
C MET A 91 24.58 4.18 4.81
N VAL A 92 24.82 3.50 3.69
CA VAL A 92 23.86 3.48 2.59
C VAL A 92 22.74 2.46 2.76
N THR A 93 23.01 1.28 3.31
CA THR A 93 21.95 0.37 3.63
C THR A 93 20.96 1.09 4.57
N THR A 94 21.48 1.63 5.68
CA THR A 94 20.67 2.31 6.66
C THR A 94 19.83 3.40 6.04
N ASP A 95 20.45 4.24 5.23
CA ASP A 95 19.70 5.28 4.51
C ASP A 95 18.47 4.71 3.78
N LEU A 96 18.66 3.59 3.07
CA LEU A 96 17.54 2.95 2.41
C LEU A 96 16.48 2.56 3.42
N LEU A 97 16.94 1.93 4.47
CA LEU A 97 16.08 1.44 5.53
C LEU A 97 15.21 2.51 6.20
N THR A 98 15.78 3.68 6.41
CA THR A 98 15.21 4.67 7.30
C THR A 98 14.83 5.89 6.48
N GLN A 99 14.70 5.71 5.18
CA GLN A 99 14.45 6.82 4.30
C GLN A 99 15.34 7.97 4.70
N GLY A 100 16.64 7.72 4.72
CA GLY A 100 17.63 8.74 5.01
C GLY A 100 17.72 9.13 6.47
N GLY A 101 17.72 8.17 7.39
CA GLY A 101 17.93 8.50 8.79
C GLY A 101 16.77 9.20 9.48
N LYS A 102 15.54 8.95 9.01
CA LYS A 102 14.34 9.49 9.66
C LYS A 102 13.73 8.57 10.74
N ASP A 103 14.39 7.46 11.06
CA ASP A 103 13.88 6.58 12.10
C ASP A 103 14.36 7.07 13.47
N ILE A 104 14.43 6.17 14.44
CA ILE A 104 15.13 6.44 15.72
C ILE A 104 16.56 5.87 15.82
N ALA A 105 16.72 4.62 15.42
CA ALA A 105 17.97 3.89 15.69
C ALA A 105 19.19 4.45 14.94
N PHE A 106 19.00 4.76 13.66
CA PHE A 106 20.08 5.23 12.83
C PHE A 106 20.07 6.74 12.55
N ALA A 107 19.40 7.52 13.40
CA ALA A 107 19.45 8.97 13.28
C ALA A 107 20.34 9.60 14.36
N ASP A 108 20.89 10.77 14.05
CA ASP A 108 21.77 11.51 14.95
C ASP A 108 20.97 12.19 16.04
N TYR A 109 21.56 12.33 17.22
CA TYR A 109 21.00 13.10 18.33
C TYR A 109 20.84 14.56 17.96
N SER A 110 19.66 15.12 18.22
CA SER A 110 19.32 16.44 17.70
C SER A 110 17.97 16.87 18.22
N PRO A 111 17.70 18.19 18.19
CA PRO A 111 16.39 18.72 18.53
C PRO A 111 15.23 17.91 17.93
N LEU A 112 15.34 17.55 16.66
CA LEU A 112 14.28 16.82 15.96
C LEU A 112 14.18 15.43 16.52
N TRP A 113 15.32 14.85 16.85
CA TRP A 113 15.36 13.47 17.31
C TRP A 113 14.89 13.35 18.76
N LYS A 114 15.14 14.37 19.58
CA LYS A 114 14.62 14.37 20.95
C LYS A 114 13.08 14.45 20.99
N ASN A 115 12.48 15.35 20.21
CA ASN A 115 11.00 15.42 20.17
C ASN A 115 10.41 14.14 19.62
N HIS A 116 11.10 13.60 18.63
CA HIS A 116 10.63 12.41 17.94
C HIS A 116 10.59 11.25 18.90
N ARG A 117 11.66 11.09 19.68
CA ARG A 117 11.78 9.98 20.60
C ARG A 117 10.91 10.23 21.79
N ARG A 118 10.88 11.45 22.30
CA ARG A 118 9.91 11.75 23.34
C ARG A 118 8.51 11.32 22.88
N LEU A 119 8.14 11.64 21.63
CA LEU A 119 6.86 11.22 21.09
C LEU A 119 6.74 9.73 21.09
N VAL A 120 7.79 9.04 20.69
CA VAL A 120 7.69 7.60 20.61
C VAL A 120 7.51 7.05 22.03
N HIS A 121 8.44 7.38 22.91
CA HIS A 121 8.52 6.80 24.25
C HIS A 121 7.18 6.83 24.96
N SER A 122 6.53 7.99 24.88
CA SER A 122 5.23 8.21 25.52
C SER A 122 4.21 7.29 24.87
N SER A 123 4.18 7.24 23.54
CA SER A 123 3.25 6.33 22.87
C SER A 123 3.31 4.94 23.49
N PHE A 124 4.50 4.37 23.65
CA PHE A 124 4.64 3.00 24.17
C PHE A 124 4.15 2.90 25.60
N THR A 125 4.55 3.87 26.42
CA THR A 125 4.21 3.92 27.84
C THR A 125 2.72 3.81 28.01
N LEU A 126 1.97 4.53 27.18
CA LEU A 126 0.49 4.56 27.23
C LEU A 126 -0.15 3.20 26.95
N PHE A 127 0.43 2.47 26.01
CA PHE A 127 -0.12 1.18 25.61
C PHE A 127 0.23 0.02 26.55
N GLY A 128 1.42 0.10 27.17
CA GLY A 128 1.88 -0.90 28.16
C GLY A 128 1.51 -0.62 29.62
N GLU A 129 2.19 0.34 30.24
CA GLU A 129 1.92 0.72 31.64
C GLU A 129 0.57 1.43 31.78
N GLY A 130 0.36 2.48 30.98
CA GLY A 130 -0.85 3.31 31.05
C GLY A 130 -2.17 2.54 31.08
N SER A 131 -2.26 1.44 30.35
CA SER A 131 -3.47 0.60 30.36
C SER A 131 -3.16 -0.87 29.98
N ASN A 132 -4.15 -1.56 29.41
CA ASN A 132 -4.04 -2.99 29.15
C ASN A 132 -4.23 -3.35 27.68
N LYS A 133 -4.03 -2.39 26.78
CA LYS A 133 -4.11 -2.68 25.35
C LYS A 133 -2.96 -3.63 24.93
N LEU A 134 -1.75 -3.35 25.40
CA LEU A 134 -0.66 -4.24 25.14
C LEU A 134 -0.91 -5.58 25.81
N GLN A 135 -1.33 -5.57 27.06
CA GLN A 135 -1.51 -6.82 27.79
C GLN A 135 -2.49 -7.70 27.02
N THR A 136 -3.56 -7.08 26.57
CA THR A 136 -4.58 -7.79 25.87
C THR A 136 -4.02 -8.28 24.54
N ILE A 137 -3.42 -7.38 23.77
CA ILE A 137 -2.83 -7.77 22.51
C ILE A 137 -1.94 -8.98 22.74
N VAL A 138 -1.11 -8.92 23.78
CA VAL A 138 -0.08 -9.95 23.95
C VAL A 138 -0.68 -11.25 24.52
N GLN A 139 -1.66 -11.11 25.39
CA GLN A 139 -2.34 -12.30 25.88
C GLN A 139 -3.10 -12.98 24.73
N GLU A 140 -3.86 -12.22 23.95
CA GLU A 140 -4.71 -12.82 22.92
C GLU A 140 -3.88 -13.48 21.84
N ALA A 141 -2.66 -12.98 21.67
CA ALA A 141 -1.71 -13.56 20.74
C ALA A 141 -1.07 -14.80 21.30
N ALA A 142 -0.68 -14.76 22.57
CA ALA A 142 -0.20 -15.97 23.20
C ALA A 142 -1.23 -17.11 23.13
N ASP A 143 -2.51 -16.76 23.09
CA ASP A 143 -3.57 -17.76 22.85
C ASP A 143 -3.32 -18.44 21.55
N SER A 144 -3.28 -17.64 20.50
CA SER A 144 -3.15 -18.16 19.17
C SER A 144 -1.91 -19.01 19.20
N LEU A 145 -0.82 -18.48 19.76
CA LEU A 145 0.44 -19.21 19.78
C LEU A 145 0.23 -20.55 20.48
N CYS A 146 -0.40 -20.51 21.65
CA CYS A 146 -0.69 -21.75 22.39
C CYS A 146 -1.53 -22.68 21.52
N GLU A 147 -2.58 -22.14 20.90
CA GLU A 147 -3.42 -22.97 20.04
C GLU A 147 -2.61 -23.65 18.93
N GLU A 148 -1.86 -22.86 18.16
CA GLU A 148 -0.95 -23.41 17.13
C GLU A 148 -0.09 -24.54 17.65
N LEU A 149 0.38 -24.43 18.89
CA LEU A 149 1.24 -25.45 19.48
C LEU A 149 0.49 -26.73 19.83
N GLN A 150 -0.77 -26.62 20.26
CA GLN A 150 -1.59 -27.81 20.50
C GLN A 150 -1.58 -28.68 19.24
N ALA A 151 -1.97 -28.10 18.11
CA ALA A 151 -2.04 -28.81 16.84
C ALA A 151 -0.70 -29.43 16.43
N CYS A 152 0.41 -28.82 16.86
CA CYS A 152 1.74 -29.34 16.56
C CYS A 152 2.10 -30.58 17.39
N ARG A 153 1.42 -30.82 18.52
CA ARG A 153 1.52 -32.12 19.19
C ARG A 153 0.98 -33.17 18.21
N GLY A 154 1.57 -34.37 18.17
CA GLY A 154 2.72 -34.75 19.00
C GLY A 154 3.99 -34.78 18.18
N GLN A 155 4.25 -33.70 17.44
CA GLN A 155 5.46 -33.60 16.63
C GLN A 155 6.64 -33.16 17.49
N SER A 156 7.81 -33.21 16.89
CA SER A 156 8.99 -32.61 17.47
C SER A 156 9.25 -31.34 16.66
N SER A 157 8.29 -30.44 16.76
CA SER A 157 8.20 -29.27 15.90
C SER A 157 9.43 -28.40 15.96
N ASP A 158 9.71 -27.65 14.89
CA ASP A 158 10.51 -26.45 15.01
C ASP A 158 9.57 -25.26 15.19
N LEU A 159 9.69 -24.60 16.33
CA LEU A 159 9.05 -23.31 16.53
C LEU A 159 10.06 -22.30 16.10
N SER A 160 9.66 -21.06 15.90
CA SER A 160 10.53 -20.05 15.31
C SER A 160 9.74 -19.33 14.27
N VAL A 161 9.13 -20.12 13.39
CA VAL A 161 8.16 -19.61 12.47
C VAL A 161 6.97 -19.18 13.28
N VAL A 162 6.52 -20.12 14.10
CA VAL A 162 5.31 -19.91 14.87
C VAL A 162 5.51 -18.67 15.74
N LEU A 163 6.65 -18.56 16.44
CA LEU A 163 6.92 -17.41 17.33
C LEU A 163 7.10 -16.12 16.57
N MET A 164 7.85 -16.21 15.49
CA MET A 164 7.97 -15.13 14.54
C MET A 164 6.61 -14.62 14.20
N ARG A 165 5.72 -15.52 13.88
CA ARG A 165 4.41 -15.11 13.52
C ARG A 165 3.75 -14.35 14.67
N ALA A 166 3.82 -14.94 15.85
CA ALA A 166 3.15 -14.40 16.98
C ALA A 166 3.65 -13.01 17.29
N VAL A 167 4.98 -12.81 17.34
CA VAL A 167 5.48 -11.46 17.70
C VAL A 167 5.24 -10.47 16.59
N THR A 168 5.39 -10.91 15.35
CA THR A 168 5.01 -10.06 14.22
C THR A 168 3.55 -9.65 14.34
N ASN A 169 2.65 -10.59 14.64
CA ASN A 169 1.22 -10.27 14.76
C ASN A 169 0.98 -9.27 15.87
N VAL A 170 1.65 -9.47 16.99
CA VAL A 170 1.55 -8.51 18.11
C VAL A 170 1.84 -7.08 17.64
N ILE A 171 2.89 -6.92 16.81
CA ILE A 171 3.37 -5.61 16.37
C ILE A 171 2.45 -5.06 15.27
N CYS A 172 1.98 -5.92 14.36
CA CYS A 172 0.88 -5.51 13.45
C CYS A 172 -0.29 -4.94 14.23
N ARG A 173 -0.69 -5.65 15.29
CA ARG A 173 -1.81 -5.25 16.17
C ARG A 173 -1.55 -3.91 16.85
N LEU A 174 -0.39 -3.80 17.49
CA LEU A 174 -0.04 -2.63 18.27
C LEU A 174 0.17 -1.38 17.41
N VAL A 175 0.76 -1.57 16.24
CA VAL A 175 0.96 -0.45 15.33
C VAL A 175 -0.24 -0.10 14.42
N PHE A 176 -0.93 -1.06 13.80
CA PHE A 176 -2.08 -0.73 12.89
C PHE A 176 -3.44 -1.11 13.41
N SER A 177 -3.53 -1.84 14.51
CA SER A 177 -4.79 -2.52 14.91
C SER A 177 -5.18 -3.55 13.87
N SER A 178 -4.18 -4.26 13.33
CA SER A 178 -4.47 -5.39 12.46
C SER A 178 -5.29 -6.44 13.19
N SER A 179 -6.00 -7.25 12.41
CA SER A 179 -6.82 -8.30 12.98
C SER A 179 -6.57 -9.64 12.31
N TYR A 180 -5.38 -9.76 11.73
CA TYR A 180 -4.96 -10.96 11.06
C TYR A 180 -5.10 -12.13 11.97
N GLN A 181 -5.43 -13.27 11.39
CA GLN A 181 -5.25 -14.54 12.06
C GLN A 181 -4.03 -15.21 11.40
N PRO A 182 -3.54 -16.31 11.96
CA PRO A 182 -2.30 -16.93 11.47
C PRO A 182 -2.20 -17.12 9.96
N SER A 183 -3.26 -17.64 9.36
CA SER A 183 -3.26 -17.98 7.93
C SER A 183 -3.15 -16.73 7.04
N ASP A 184 -3.64 -15.60 7.57
CA ASP A 184 -3.85 -14.38 6.78
C ASP A 184 -2.70 -14.11 5.84
N PRO A 185 -3.03 -13.83 4.58
CA PRO A 185 -2.01 -13.53 3.59
C PRO A 185 -1.25 -12.21 3.81
N GLU A 186 -1.91 -11.16 4.29
CA GLU A 186 -1.25 -9.86 4.41
C GLU A 186 -0.21 -9.91 5.52
N LEU A 187 -0.50 -10.66 6.57
CA LEU A 187 0.46 -10.92 7.62
C LEU A 187 1.64 -11.64 7.01
N GLN A 188 1.34 -12.66 6.21
CA GLN A 188 2.34 -13.44 5.50
C GLN A 188 3.23 -12.58 4.60
N THR A 189 2.65 -11.56 3.97
CA THR A 189 3.41 -10.57 3.18
C THR A 189 4.48 -9.88 4.01
N VAL A 190 4.07 -9.45 5.20
CA VAL A 190 4.91 -8.69 6.14
C VAL A 190 6.06 -9.51 6.63
N ILE A 191 5.78 -10.75 7.01
CA ILE A 191 6.85 -11.63 7.44
C ILE A 191 7.80 -11.82 6.29
N GLN A 192 7.27 -11.89 5.07
CA GLN A 192 8.12 -12.10 3.91
C GLN A 192 9.01 -10.89 3.58
N TYR A 193 8.53 -9.66 3.72
CA TYR A 193 9.42 -8.53 3.46
C TYR A 193 10.38 -8.24 4.62
N ASN A 194 9.88 -8.33 5.85
CA ASN A 194 10.75 -8.32 7.01
C ASN A 194 11.84 -9.38 6.80
N ASP A 195 11.44 -10.63 6.56
CA ASP A 195 12.41 -11.73 6.35
C ASP A 195 13.49 -11.40 5.28
N GLY A 196 13.05 -10.84 4.16
CA GLY A 196 13.97 -10.45 3.09
C GLY A 196 15.01 -9.44 3.52
N ILE A 197 14.58 -8.47 4.32
CA ILE A 197 15.46 -7.45 4.84
C ILE A 197 16.51 -8.06 5.79
N VAL A 198 16.03 -8.89 6.72
CA VAL A 198 16.90 -9.64 7.60
C VAL A 198 17.95 -10.42 6.79
N GLN A 199 17.49 -11.24 5.85
CA GLN A 199 18.37 -12.09 5.03
C GLN A 199 19.44 -11.21 4.37
N THR A 200 18.99 -10.07 3.86
CA THR A 200 19.84 -9.24 3.03
C THR A 200 20.97 -8.68 3.87
N ILE A 201 20.61 -8.02 4.95
CA ILE A 201 21.56 -7.43 5.89
C ILE A 201 22.48 -8.47 6.55
N ALA A 202 21.94 -9.65 6.82
CA ALA A 202 22.68 -10.73 7.46
C ALA A 202 23.94 -11.06 6.68
N ARG A 203 23.82 -11.19 5.37
CA ARG A 203 24.97 -11.49 4.52
C ARG A 203 25.93 -10.32 4.54
N GLY A 204 25.40 -9.10 4.43
CA GLY A 204 26.21 -7.92 4.12
C GLY A 204 26.45 -6.90 5.22
N GLY A 205 26.21 -5.62 4.91
CA GLY A 205 26.76 -4.51 5.69
C GLY A 205 25.97 -3.74 6.74
N LEU A 206 26.61 -3.60 7.92
CA LEU A 206 26.66 -2.36 8.73
C LEU A 206 27.91 -1.59 8.30
N VAL A 207 28.78 -2.35 7.68
CA VAL A 207 30.23 -2.19 7.67
C VAL A 207 30.90 -1.50 8.86
N ASP A 208 30.49 -1.84 10.08
CA ASP A 208 31.39 -1.73 11.22
C ASP A 208 32.39 -2.85 10.93
N ILE A 209 33.66 -2.64 11.26
CA ILE A 209 34.66 -3.70 11.04
C ILE A 209 34.70 -4.08 9.54
N LYS A 219 26.33 -6.76 -5.30
CA LYS A 219 25.19 -6.48 -4.43
C LYS A 219 24.05 -5.84 -5.18
N ASP A 220 22.82 -6.29 -5.00
CA ASP A 220 22.26 -7.00 -3.83
C ASP A 220 21.81 -5.97 -2.80
N LEU A 221 22.32 -4.76 -2.90
CA LEU A 221 21.69 -3.67 -2.18
C LEU A 221 20.42 -3.26 -2.93
N LYS A 222 20.10 -3.93 -4.03
CA LYS A 222 18.84 -3.70 -4.72
C LYS A 222 17.70 -4.56 -4.15
N ARG A 223 18.04 -5.74 -3.63
CA ARG A 223 17.05 -6.64 -3.04
C ARG A 223 16.41 -6.04 -1.79
N LEU A 224 17.17 -5.20 -1.12
CA LEU A 224 16.72 -4.49 0.06
C LEU A 224 15.69 -3.42 -0.31
N LYS A 225 16.04 -2.58 -1.29
CA LYS A 225 15.17 -1.52 -1.83
C LYS A 225 13.82 -2.08 -2.21
N GLU A 226 13.84 -3.27 -2.80
CA GLU A 226 12.62 -3.93 -3.21
C GLU A 226 11.85 -4.27 -1.97
N CYS A 227 12.50 -4.98 -1.03
CA CYS A 227 11.82 -5.31 0.23
C CYS A 227 11.33 -4.05 0.89
N VAL A 228 12.15 -3.03 0.87
CA VAL A 228 11.82 -1.80 1.56
C VAL A 228 10.61 -1.16 0.94
N SER A 229 10.51 -1.16 -0.38
CA SER A 229 9.37 -0.55 -1.09
C SER A 229 7.98 -1.14 -0.75
N ILE A 230 7.85 -2.45 -0.84
CA ILE A 230 6.61 -3.14 -0.50
C ILE A 230 6.25 -2.81 0.94
N ARG A 231 7.29 -2.75 1.79
CA ARG A 231 7.12 -2.39 3.19
C ARG A 231 6.63 -0.95 3.28
N ASP A 232 7.36 -0.03 2.68
CA ASP A 232 6.96 1.36 2.75
C ASP A 232 5.53 1.56 2.23
N GLN A 233 5.10 0.80 1.22
CA GLN A 233 3.79 1.06 0.63
C GLN A 233 2.68 0.58 1.54
N LEU A 234 2.75 -0.70 1.88
CA LEU A 234 1.82 -1.32 2.83
C LEU A 234 1.58 -0.53 4.12
N LEU A 235 2.63 0.04 4.71
CA LEU A 235 2.45 0.87 5.91
C LEU A 235 1.81 2.17 5.58
N TYR A 236 2.30 2.84 4.53
CA TYR A 236 1.74 4.11 4.11
C TYR A 236 0.24 3.96 3.93
N LYS A 237 -0.16 2.83 3.35
CA LYS A 237 -1.58 2.53 3.14
C LYS A 237 -2.26 2.52 4.48
N LYS A 238 -1.79 1.65 5.36
CA LYS A 238 -2.26 1.68 6.72
C LYS A 238 -2.25 3.12 7.28
N LEU A 239 -1.20 3.87 7.05
CA LEU A 239 -1.10 5.25 7.53
C LEU A 239 -2.24 6.13 6.99
N LEU A 240 -2.52 6.03 5.69
CA LEU A 240 -3.67 6.77 5.09
C LEU A 240 -5.02 6.39 5.68
N GLU A 241 -5.24 5.08 5.79
CA GLU A 241 -6.41 4.54 6.46
C GLU A 241 -6.58 5.08 7.89
N HIS A 242 -5.47 5.32 8.57
CA HIS A 242 -5.47 5.84 9.94
C HIS A 242 -5.69 7.35 10.00
N LYS A 243 -5.04 8.11 9.12
CA LYS A 243 -5.15 9.57 9.19
C LYS A 243 -6.59 10.03 9.00
N LYS A 244 -7.34 9.29 8.16
CA LYS A 244 -8.78 9.55 7.88
C LYS A 244 -9.69 9.36 9.12
N SER A 245 -9.47 8.27 9.86
CA SER A 245 -10.18 8.01 11.11
C SER A 245 -9.25 8.33 12.26
N LEU A 246 -9.44 9.48 12.92
CA LEU A 246 -8.48 9.96 13.91
C LEU A 246 -9.09 10.76 15.05
N THR A 247 -9.13 10.17 16.24
CA THR A 247 -9.67 10.81 17.45
C THR A 247 -8.51 11.08 18.41
N PRO A 248 -8.09 12.35 18.54
CA PRO A 248 -6.98 12.79 19.41
C PRO A 248 -7.08 12.48 20.91
N GLY A 249 -8.25 12.68 21.51
CA GLY A 249 -8.46 12.35 22.92
C GLY A 249 -7.81 11.00 23.16
N GLU A 250 -8.46 9.95 22.64
CA GLU A 250 -7.81 8.66 22.34
C GLU A 250 -8.58 8.07 21.16
N PRO A 251 -8.13 6.96 20.54
CA PRO A 251 -7.19 6.00 21.11
C PRO A 251 -5.94 5.86 20.19
N ARG A 252 -5.77 4.88 19.29
CA ARG A 252 -6.16 3.45 19.37
C ARG A 252 -5.04 2.57 18.85
N ASP A 253 -3.86 3.15 18.74
CA ASP A 253 -2.81 2.59 17.93
C ASP A 253 -1.57 3.37 18.12
N LEU A 254 -0.45 2.70 17.97
CA LEU A 254 0.81 3.38 17.99
C LEU A 254 0.85 4.36 16.84
N LEU A 255 0.30 3.93 15.71
CA LEU A 255 0.29 4.76 14.49
C LEU A 255 -0.60 6.01 14.68
N ASP A 256 -1.80 5.83 15.20
CA ASP A 256 -2.59 6.95 15.66
C ASP A 256 -1.80 7.88 16.54
N ALA A 257 -1.22 7.34 17.61
CA ALA A 257 -0.42 8.11 18.61
C ALA A 257 0.70 8.98 18.04
N LEU A 258 1.41 8.46 17.05
CA LEU A 258 2.41 9.24 16.33
C LEU A 258 1.75 10.33 15.48
N LEU A 259 0.67 9.97 14.78
CA LEU A 259 0.02 10.92 13.88
C LEU A 259 -0.56 12.10 14.61
N ILE A 260 -1.23 11.83 15.74
CA ILE A 260 -1.58 12.88 16.68
C ILE A 260 -0.35 13.74 16.98
N GLY A 261 0.73 13.11 17.40
CA GLY A 261 1.91 13.87 17.80
C GLY A 261 2.42 14.73 16.67
N GLN A 262 2.30 14.20 15.47
CA GLN A 262 2.74 14.88 14.28
C GLN A 262 1.68 15.91 13.85
N GLN A 263 0.42 15.61 14.11
CA GLN A 263 -0.65 16.63 14.08
C GLN A 263 -0.19 17.93 14.71
N ARG A 264 0.34 17.84 15.92
CA ARG A 264 0.78 19.02 16.68
C ARG A 264 2.13 19.42 16.14
N GLY A 265 2.19 20.07 14.97
CA GLY A 265 3.44 20.20 14.23
C GLY A 265 3.67 21.55 13.60
N SER A 266 3.63 22.57 14.45
CA SER A 266 3.86 23.97 14.03
C SER A 266 4.70 24.12 12.74
N GLY A 267 6.02 24.03 12.84
CA GLY A 267 6.92 24.35 11.72
C GLY A 267 8.25 23.60 11.69
N GLY A 268 8.83 23.53 10.50
CA GLY A 268 9.93 22.63 10.17
C GLY A 268 11.00 22.29 11.19
N ALA A 269 11.77 23.30 11.62
CA ALA A 269 13.03 23.07 12.35
C ALA A 269 13.15 21.71 13.07
N ASP A 270 12.44 21.57 14.19
CA ASP A 270 12.61 20.41 15.05
C ASP A 270 11.33 19.58 15.12
N ASP A 271 10.41 19.82 14.18
CA ASP A 271 9.14 19.08 14.11
C ASP A 271 9.21 17.90 13.19
N ILE A 272 8.50 16.84 13.55
CA ILE A 272 8.53 15.62 12.76
C ILE A 272 7.61 15.71 11.56
N THR A 273 8.14 15.37 10.41
CA THR A 273 7.29 15.13 9.25
C THR A 273 6.56 13.81 9.44
N GLU A 274 5.67 13.57 8.50
CA GLU A 274 4.94 12.29 8.37
C GLU A 274 5.88 11.11 8.04
N ASP A 275 7.03 11.36 7.41
CA ASP A 275 7.92 10.30 7.01
C ASP A 275 8.51 9.58 8.21
N HIS A 276 8.76 10.32 9.29
CA HIS A 276 9.18 9.76 10.59
C HIS A 276 8.13 8.85 11.22
N VAL A 277 6.86 9.17 11.01
CA VAL A 277 5.80 8.32 11.54
C VAL A 277 5.92 6.99 10.87
N LEU A 278 5.94 7.04 9.56
CA LEU A 278 6.06 5.83 8.80
C LEU A 278 7.33 5.07 9.23
N MET A 279 8.46 5.76 9.26
CA MET A 279 9.71 5.10 9.60
C MET A 279 9.66 4.52 11.02
N THR A 280 9.08 5.23 11.95
CA THR A 280 8.94 4.69 13.28
C THR A 280 8.07 3.43 13.35
N ALA A 281 7.04 3.36 12.50
CA ALA A 281 6.20 2.16 12.42
C ALA A 281 6.99 1.00 11.83
N ALA A 282 7.79 1.29 10.82
CA ALA A 282 8.58 0.26 10.17
C ALA A 282 9.56 -0.27 11.17
N GLU A 283 10.17 0.65 11.90
CA GLU A 283 11.16 0.27 12.90
C GLU A 283 10.59 -0.57 14.05
N ALA A 284 9.33 -0.40 14.39
CA ALA A 284 8.79 -1.20 15.47
C ALA A 284 8.93 -2.68 15.15
N PHE A 285 8.87 -3.01 13.88
CA PHE A 285 9.17 -4.34 13.40
C PHE A 285 10.68 -4.52 13.34
N GLY A 286 11.32 -3.73 12.52
CA GLY A 286 12.79 -3.84 12.38
C GLY A 286 13.54 -4.15 13.67
N ALA A 287 13.32 -3.33 14.69
CA ALA A 287 13.93 -3.49 15.98
C ALA A 287 13.25 -4.48 16.89
N GLY A 288 11.96 -4.68 16.70
CA GLY A 288 11.17 -5.42 17.68
C GLY A 288 10.97 -6.89 17.47
N VAL A 289 11.00 -7.35 16.24
CA VAL A 289 10.61 -8.72 15.97
C VAL A 289 11.75 -9.68 16.24
N GLU A 290 12.82 -9.53 15.48
CA GLU A 290 13.86 -10.49 15.54
C GLU A 290 14.52 -10.53 16.94
N THR A 291 14.59 -9.38 17.62
CA THR A 291 15.08 -9.35 19.00
C THR A 291 14.17 -10.13 19.94
N THR A 292 12.86 -9.93 19.79
CA THR A 292 11.94 -10.56 20.71
C THR A 292 11.87 -12.04 20.38
N SER A 293 11.52 -12.38 19.13
CA SER A 293 11.49 -13.80 18.76
C SER A 293 12.76 -14.53 19.21
N THR A 294 13.93 -13.94 18.98
CA THR A 294 15.15 -14.66 19.33
C THR A 294 15.30 -14.87 20.86
N THR A 295 14.96 -13.85 21.63
CA THR A 295 15.04 -13.97 23.06
C THR A 295 14.15 -15.12 23.55
N LEU A 296 12.97 -15.29 22.93
CA LEU A 296 12.13 -16.46 23.18
C LEU A 296 12.80 -17.76 22.76
N LEU A 297 13.41 -17.76 21.57
CA LEU A 297 14.06 -18.97 21.08
C LEU A 297 15.17 -19.41 22.02
N TRP A 298 15.92 -18.46 22.58
CA TRP A 298 16.97 -18.81 23.56
C TRP A 298 16.36 -19.38 24.87
N THR A 299 15.34 -18.68 25.37
CA THR A 299 14.70 -19.06 26.61
C THR A 299 14.35 -20.54 26.58
N ILE A 300 13.66 -20.94 25.54
CA ILE A 300 13.23 -22.31 25.37
C ILE A 300 14.42 -23.18 25.18
N ALA A 301 15.38 -22.72 24.38
CA ALA A 301 16.57 -23.52 24.13
C ALA A 301 17.27 -23.86 25.45
N PHE A 302 17.31 -22.90 26.37
CA PHE A 302 17.99 -23.11 27.63
C PHE A 302 17.17 -23.98 28.57
N LEU A 303 15.86 -23.89 28.49
CA LEU A 303 15.02 -24.70 29.36
C LEU A 303 15.12 -26.16 28.96
N LEU A 304 15.42 -26.43 27.70
CA LEU A 304 15.68 -27.81 27.30
C LEU A 304 16.90 -28.37 28.03
N HIS A 305 17.96 -27.58 28.11
CA HIS A 305 19.17 -28.04 28.82
C HIS A 305 18.94 -28.13 30.33
N HIS A 306 17.94 -27.42 30.82
CA HIS A 306 17.67 -27.39 32.24
C HIS A 306 16.24 -27.80 32.60
N PRO A 307 15.86 -29.08 32.36
CA PRO A 307 14.48 -29.49 32.58
C PRO A 307 14.03 -29.25 34.02
N GLN A 308 14.94 -29.42 34.98
CA GLN A 308 14.62 -29.20 36.39
C GLN A 308 14.13 -27.77 36.57
N LEU A 309 14.90 -26.83 36.03
CA LEU A 309 14.60 -25.40 36.11
C LEU A 309 13.27 -25.08 35.44
N GLN A 310 12.96 -25.75 34.33
CA GLN A 310 11.69 -25.57 33.64
C GLN A 310 10.54 -25.99 34.55
N GLU A 311 10.75 -27.11 35.26
CA GLU A 311 9.81 -27.61 36.29
C GLU A 311 9.70 -26.62 37.44
N ARG A 312 10.81 -26.02 37.85
CA ARG A 312 10.74 -25.06 38.95
C ARG A 312 9.95 -23.79 38.65
N VAL A 313 10.08 -23.29 37.43
CA VAL A 313 9.30 -22.15 36.95
C VAL A 313 7.83 -22.55 36.77
N GLN A 314 7.61 -23.78 36.33
CA GLN A 314 6.25 -24.29 36.17
C GLN A 314 5.56 -24.42 37.52
N ALA A 315 6.32 -24.68 38.59
CA ALA A 315 5.76 -24.75 39.95
C ALA A 315 5.39 -23.36 40.39
N GLU A 316 6.24 -22.41 40.04
CA GLU A 316 6.03 -21.03 40.43
C GLU A 316 4.69 -20.58 39.87
N LEU A 317 4.47 -20.86 38.59
CA LEU A 317 3.25 -20.46 37.91
C LEU A 317 2.00 -21.09 38.52
N ASP A 318 2.09 -22.37 38.85
CA ASP A 318 0.99 -23.14 39.43
C ASP A 318 0.55 -22.63 40.80
N GLU A 319 1.52 -22.32 41.67
CA GLU A 319 1.23 -21.78 42.99
C GLU A 319 0.61 -20.42 42.87
N CYS A 320 1.29 -19.56 42.13
CA CYS A 320 0.95 -18.14 42.04
C CYS A 320 -0.22 -17.88 41.10
N VAL A 321 -0.15 -18.40 39.89
CA VAL A 321 -1.24 -18.27 38.95
C VAL A 321 -2.08 -19.52 39.02
N GLY A 322 -3.29 -19.47 38.50
CA GLY A 322 -4.06 -20.71 38.38
C GLY A 322 -3.35 -21.68 37.45
N VAL A 323 -4.03 -22.76 37.12
CA VAL A 323 -3.70 -23.49 35.91
C VAL A 323 -4.69 -23.09 34.80
N ASP A 324 -5.76 -22.36 35.15
CA ASP A 324 -6.70 -21.83 34.14
C ASP A 324 -6.42 -20.35 33.76
N ARG A 325 -6.44 -19.45 34.74
CA ARG A 325 -6.24 -18.01 34.49
C ARG A 325 -5.04 -17.80 33.58
N PRO A 326 -5.09 -16.79 32.70
CA PRO A 326 -3.87 -16.39 32.01
C PRO A 326 -3.03 -15.49 32.91
N PRO A 327 -1.70 -15.66 32.91
CA PRO A 327 -0.89 -14.77 33.72
C PRO A 327 -0.90 -13.37 33.13
N CYS A 328 -0.92 -12.37 34.02
CA CYS A 328 -1.03 -10.97 33.61
C CYS A 328 0.03 -10.20 34.34
N LEU A 329 0.21 -8.93 34.01
CA LEU A 329 1.38 -8.22 34.48
C LEU A 329 1.41 -8.11 36.01
N SER A 330 0.25 -8.00 36.65
CA SER A 330 0.25 -7.87 38.12
C SER A 330 0.88 -9.07 38.85
N ASP A 331 0.98 -10.23 38.18
CA ASP A 331 1.62 -11.41 38.76
C ASP A 331 3.14 -11.29 38.80
N ARG A 332 3.69 -10.37 38.00
CA ARG A 332 5.15 -10.20 37.85
C ARG A 332 5.95 -10.24 39.15
N PRO A 333 5.61 -9.38 40.13
CA PRO A 333 6.29 -9.40 41.44
C PRO A 333 6.24 -10.77 42.14
N HIS A 334 5.16 -11.51 41.91
CA HIS A 334 4.99 -12.84 42.47
C HIS A 334 5.59 -13.99 41.66
N LEU A 335 6.38 -13.67 40.62
CA LEU A 335 7.07 -14.69 39.81
C LEU A 335 8.60 -14.45 39.69
N PRO A 336 9.30 -14.46 40.85
CA PRO A 336 10.70 -14.02 40.94
C PRO A 336 11.69 -14.85 40.12
N LEU A 337 11.45 -16.15 40.06
CA LEU A 337 12.33 -17.04 39.32
C LEU A 337 12.19 -16.73 37.84
N LEU A 338 10.97 -16.86 37.31
CA LEU A 338 10.72 -16.51 35.92
C LEU A 338 11.50 -15.26 35.52
N ASP A 339 11.40 -14.20 36.32
CA ASP A 339 12.07 -12.97 35.95
C ASP A 339 13.58 -13.15 35.90
N ALA A 340 14.09 -13.96 36.82
CA ALA A 340 15.47 -14.31 36.84
C ALA A 340 15.84 -15.04 35.55
N VAL A 341 15.03 -16.00 35.15
CA VAL A 341 15.30 -16.78 33.97
C VAL A 341 15.46 -15.83 32.80
N LEU A 342 14.48 -14.95 32.64
CA LEU A 342 14.46 -13.97 31.57
C LEU A 342 15.71 -13.08 31.60
N CYS A 343 16.10 -12.65 32.79
CA CYS A 343 17.25 -11.78 32.90
C CYS A 343 18.50 -12.57 32.51
N GLU A 344 18.51 -13.84 32.83
CA GLU A 344 19.69 -14.62 32.61
C GLU A 344 19.87 -14.87 31.13
N VAL A 345 18.80 -15.25 30.44
CA VAL A 345 18.79 -15.48 28.98
C VAL A 345 19.31 -14.24 28.29
N MET A 346 18.83 -13.08 28.71
CA MET A 346 19.26 -11.83 28.10
C MET A 346 20.73 -11.54 28.35
N ARG A 347 21.24 -11.94 29.51
CA ARG A 347 22.64 -11.77 29.86
C ARG A 347 23.55 -12.68 29.04
N ILE A 348 23.25 -13.97 29.10
CA ILE A 348 24.16 -15.00 28.61
C ILE A 348 24.26 -15.05 27.08
N ARG A 349 23.17 -14.65 26.39
CA ARG A 349 23.16 -14.59 24.93
C ARG A 349 22.60 -13.23 24.41
N PRO A 350 23.38 -12.16 24.58
CA PRO A 350 22.88 -10.88 24.14
C PRO A 350 22.59 -10.87 22.68
N VAL A 351 21.34 -10.57 22.34
CA VAL A 351 20.88 -10.46 20.94
C VAL A 351 21.79 -9.60 20.01
N SER A 352 22.37 -8.52 20.50
CA SER A 352 23.36 -7.77 19.73
C SER A 352 24.62 -7.59 20.53
N PRO A 353 25.47 -8.64 20.57
CA PRO A 353 26.70 -8.67 21.36
C PRO A 353 27.62 -7.49 21.09
N ILE A 354 27.42 -6.84 19.95
CA ILE A 354 28.00 -5.54 19.73
C ILE A 354 26.89 -4.59 19.33
N LEU A 355 26.78 -3.45 19.99
CA LEU A 355 25.72 -2.52 19.64
C LEU A 355 25.98 -1.82 18.30
N ILE A 356 24.96 -1.12 17.80
CA ILE A 356 25.07 -0.26 16.62
C ILE A 356 26.12 0.73 17.09
N PRO A 357 26.95 1.26 16.18
CA PRO A 357 28.01 2.15 16.71
C PRO A 357 27.44 3.39 17.38
N HIS A 358 28.09 3.86 18.44
CA HIS A 358 27.83 5.18 18.99
C HIS A 358 28.85 6.13 18.45
N VAL A 359 28.42 7.19 17.77
CA VAL A 359 29.37 8.13 17.19
C VAL A 359 29.64 9.36 18.05
N ALA A 360 30.90 9.75 18.09
CA ALA A 360 31.35 10.88 18.86
C ALA A 360 30.93 12.17 18.20
N MET A 361 29.88 12.78 18.76
CA MET A 361 29.28 14.00 18.23
C MET A 361 30.16 15.24 18.27
N GLN A 362 31.15 15.25 19.15
CA GLN A 362 32.04 16.37 19.35
C GLN A 362 33.35 15.78 19.81
N ASP A 363 34.43 16.55 19.83
CA ASP A 363 35.68 16.00 20.35
C ASP A 363 35.43 15.70 21.82
N THR A 364 35.67 14.46 22.22
CA THR A 364 35.52 14.07 23.61
C THR A 364 36.67 13.19 24.08
N SER A 365 36.40 12.35 25.09
CA SER A 365 37.43 11.53 25.71
C SER A 365 36.81 10.20 26.09
N LEU A 366 37.63 9.22 26.39
CA LEU A 366 37.15 7.90 26.79
C LEU A 366 38.35 7.23 27.39
N GLY A 367 38.18 6.48 28.46
CA GLY A 367 39.31 6.21 29.33
C GLY A 367 39.76 7.62 29.66
N GLY A 368 41.07 7.86 29.80
CA GLY A 368 41.57 9.22 29.90
C GLY A 368 42.12 9.72 28.58
N HIS A 369 41.60 9.19 27.48
CA HIS A 369 42.20 9.36 26.15
C HIS A 369 41.28 10.18 25.30
N SER A 370 41.84 11.09 24.54
CA SER A 370 40.99 11.98 23.77
C SER A 370 40.37 11.19 22.62
N VAL A 371 39.18 11.59 22.21
CA VAL A 371 38.43 10.88 21.20
C VAL A 371 37.86 11.88 20.19
N PRO A 372 38.53 12.00 19.02
CA PRO A 372 38.12 12.96 17.98
C PRO A 372 36.65 12.86 17.65
N LYS A 373 36.00 13.98 17.38
CA LYS A 373 34.70 13.97 16.75
C LYS A 373 34.66 12.95 15.62
N GLY A 374 33.50 12.34 15.40
CA GLY A 374 33.37 11.36 14.33
C GLY A 374 33.77 9.94 14.66
N THR A 375 34.47 9.74 15.80
CA THR A 375 34.93 8.41 16.18
C THR A 375 33.75 7.46 16.43
N ARG A 376 33.89 6.22 15.97
CA ARG A 376 32.86 5.21 16.14
C ARG A 376 33.19 4.38 17.34
N VAL A 377 32.20 4.07 18.17
CA VAL A 377 32.47 3.33 19.41
C VAL A 377 31.59 2.09 19.50
N LEU A 378 32.21 0.91 19.40
CA LEU A 378 31.50 -0.35 19.48
C LEU A 378 31.41 -0.80 20.91
N VAL A 379 30.19 -0.95 21.42
CA VAL A 379 30.00 -1.41 22.78
C VAL A 379 29.91 -2.90 22.75
N ASN A 380 30.75 -3.57 23.53
CA ASN A 380 30.83 -5.01 23.51
C ASN A 380 29.99 -5.57 24.64
N MET A 381 28.78 -5.89 24.27
CA MET A 381 27.77 -6.29 25.22
C MET A 381 28.08 -7.67 25.78
N TRP A 382 28.75 -8.51 25.01
CA TRP A 382 29.09 -9.86 25.46
C TRP A 382 30.11 -9.75 26.59
N ALA A 383 31.13 -8.92 26.40
CA ALA A 383 32.19 -8.73 27.37
C ALA A 383 31.62 -8.34 28.70
N ILE A 384 30.87 -7.25 28.72
CA ILE A 384 30.35 -6.74 29.99
C ILE A 384 29.35 -7.69 30.62
N HIS A 385 28.73 -8.55 29.81
CA HIS A 385 27.88 -9.58 30.32
C HIS A 385 28.56 -10.88 30.63
N HIS A 386 29.80 -11.03 30.21
CA HIS A 386 30.54 -12.21 30.55
C HIS A 386 31.76 -11.91 31.34
N ASP A 387 31.86 -10.71 31.86
CA ASP A 387 33.06 -10.35 32.61
C ASP A 387 33.15 -11.08 33.97
N PRO A 388 34.15 -11.99 34.15
CA PRO A 388 34.32 -12.77 35.40
C PRO A 388 34.67 -11.92 36.63
N LYS A 389 35.18 -10.74 36.35
CA LYS A 389 35.33 -9.73 37.38
C LYS A 389 33.98 -9.36 37.97
N HIS A 390 32.92 -9.37 37.18
CA HIS A 390 31.62 -8.92 37.70
C HIS A 390 30.59 -10.03 37.82
N TRP A 391 30.85 -11.22 37.31
CA TRP A 391 29.85 -12.28 37.32
C TRP A 391 30.49 -13.59 37.73
N ASP A 392 29.86 -14.33 38.66
CA ASP A 392 30.43 -15.58 39.10
C ASP A 392 29.97 -16.69 38.20
N GLN A 393 30.89 -17.39 37.56
CA GLN A 393 30.54 -18.44 36.62
C GLN A 393 29.73 -17.85 35.49
N PRO A 394 30.28 -16.83 34.83
CA PRO A 394 29.51 -16.02 33.88
C PRO A 394 29.07 -16.78 32.65
N GLU A 395 29.66 -17.96 32.44
CA GLU A 395 29.39 -18.75 31.26
C GLU A 395 28.37 -19.85 31.57
N GLN A 396 27.89 -19.87 32.81
CA GLN A 396 26.90 -20.88 33.22
C GLN A 396 25.50 -20.24 33.42
N PHE A 397 24.47 -20.99 33.04
CA PHE A 397 23.12 -20.51 33.06
C PHE A 397 22.49 -20.66 34.43
N ASN A 398 22.41 -19.56 35.16
CA ASN A 398 22.08 -19.63 36.57
C ASN A 398 21.14 -18.51 37.04
N PRO A 399 19.85 -18.65 36.77
CA PRO A 399 18.89 -17.58 37.05
C PRO A 399 18.98 -17.10 38.48
N GLU A 400 19.34 -18.02 39.37
CA GLU A 400 19.59 -17.72 40.79
C GLU A 400 20.57 -16.58 41.06
N ARG A 401 21.44 -16.24 40.11
CA ARG A 401 22.33 -15.07 40.27
C ARG A 401 21.57 -13.75 40.26
N PHE A 402 20.37 -13.72 39.69
CA PHE A 402 19.52 -12.52 39.73
C PHE A 402 18.58 -12.55 40.95
N LEU A 403 18.66 -13.60 41.76
CA LEU A 403 17.90 -13.73 42.98
C LEU A 403 18.72 -13.42 44.23
N GLU A 404 18.31 -12.38 44.93
CA GLU A 404 18.70 -12.22 46.32
C GLU A 404 17.70 -11.31 47.00
N SER A 413 24.31 -4.67 38.46
CA SER A 413 25.28 -3.56 38.47
C SER A 413 25.87 -3.30 37.09
N SER A 414 26.49 -4.32 36.46
CA SER A 414 26.95 -4.20 35.06
C SER A 414 26.04 -4.98 34.10
N PHE A 415 24.74 -4.97 34.40
CA PHE A 415 23.68 -5.58 33.55
C PHE A 415 23.00 -4.45 32.80
N LEU A 416 23.19 -4.41 31.49
CA LEU A 416 22.54 -3.43 30.61
C LEU A 416 21.99 -4.07 29.36
N PRO A 417 21.01 -4.99 29.50
CA PRO A 417 20.36 -5.65 28.36
C PRO A 417 19.74 -4.70 27.36
N PHE A 418 19.31 -3.54 27.83
CA PHE A 418 18.72 -2.56 26.94
C PHE A 418 19.59 -1.34 26.62
N GLY A 419 20.89 -1.42 26.78
CA GLY A 419 21.68 -0.19 26.80
C GLY A 419 21.32 0.74 27.97
N ALA A 420 21.44 2.03 27.76
CA ALA A 420 21.19 3.05 28.77
C ALA A 420 21.58 4.40 28.16
N GLY A 421 21.39 5.48 28.91
CA GLY A 421 21.74 6.81 28.45
C GLY A 421 20.86 7.31 27.32
N PRO A 422 21.21 8.44 26.71
CA PRO A 422 20.29 8.95 25.71
C PRO A 422 19.77 7.93 24.67
N ARG A 423 20.54 6.89 24.37
CA ARG A 423 20.23 5.96 23.27
C ARG A 423 19.63 4.65 23.72
N VAL A 424 19.24 4.56 24.98
CA VAL A 424 18.56 3.38 25.56
C VAL A 424 17.36 2.86 24.78
N CYS A 425 17.09 1.57 24.89
CA CYS A 425 16.01 1.00 24.11
C CYS A 425 14.71 1.77 24.30
N VAL A 426 14.09 2.19 23.22
CA VAL A 426 12.77 2.84 23.31
C VAL A 426 11.61 1.85 23.45
N GLY A 427 11.86 0.55 23.22
CA GLY A 427 10.85 -0.50 23.32
C GLY A 427 11.09 -1.48 24.45
N GLU A 428 11.76 -1.01 25.50
CA GLU A 428 12.14 -1.84 26.66
C GLU A 428 10.93 -2.27 27.45
N SER A 429 10.10 -1.30 27.82
CA SER A 429 8.84 -1.60 28.49
C SER A 429 7.98 -2.56 27.66
N LEU A 430 7.97 -2.33 26.36
CA LEU A 430 7.16 -3.19 25.54
C LEU A 430 7.76 -4.58 25.46
N ALA A 431 9.07 -4.64 25.32
CA ALA A 431 9.79 -5.89 25.22
C ALA A 431 9.56 -6.77 26.44
N ARG A 432 9.81 -6.19 27.60
CA ARG A 432 9.70 -6.85 28.89
C ARG A 432 8.32 -7.46 29.12
N ILE A 433 7.31 -6.64 28.91
CA ILE A 433 5.93 -7.08 28.89
C ILE A 433 5.67 -8.18 27.86
N GLU A 434 6.08 -7.97 26.62
CA GLU A 434 5.99 -9.05 25.64
C GLU A 434 6.58 -10.36 26.24
N LEU A 435 7.84 -10.33 26.69
CA LEU A 435 8.50 -11.60 27.07
C LEU A 435 7.91 -12.18 28.34
N PHE A 436 7.51 -11.33 29.26
CA PHE A 436 6.90 -11.86 30.45
C PHE A 436 5.64 -12.62 30.05
N LEU A 437 4.74 -11.91 29.38
CA LEU A 437 3.42 -12.44 29.03
C LEU A 437 3.56 -13.66 28.16
N PHE A 438 4.40 -13.60 27.15
CA PHE A 438 4.55 -14.75 26.28
C PHE A 438 5.04 -15.96 27.01
N VAL A 439 5.96 -15.79 27.96
CA VAL A 439 6.70 -16.93 28.47
C VAL A 439 5.96 -17.58 29.61
N SER A 440 5.19 -16.80 30.36
CA SER A 440 4.37 -17.34 31.42
C SER A 440 3.29 -18.25 30.85
N ARG A 441 2.68 -17.84 29.74
CA ARG A 441 1.63 -18.65 29.15
C ARG A 441 2.07 -20.00 28.58
N PRO A 442 3.17 -20.05 27.80
CA PRO A 442 3.50 -21.35 27.26
C PRO A 442 4.00 -22.26 28.35
N LEU A 443 4.65 -21.72 29.38
CA LEU A 443 5.12 -22.58 30.47
C LEU A 443 3.96 -23.09 31.30
N GLN A 444 2.98 -22.23 31.52
CA GLN A 444 1.73 -22.66 32.16
C GLN A 444 1.00 -23.70 31.32
N ARG A 445 0.91 -23.54 30.02
CA ARG A 445 0.14 -24.47 29.22
C ARG A 445 0.95 -25.65 28.68
N PHE A 446 2.27 -25.54 28.62
CA PHE A 446 3.10 -26.56 27.96
C PHE A 446 4.41 -26.85 28.66
N SER A 447 4.87 -28.09 28.48
CA SER A 447 6.19 -28.53 28.87
C SER A 447 7.02 -28.81 27.59
N PHE A 448 8.23 -28.25 27.56
CA PHE A 448 9.12 -28.32 26.38
C PHE A 448 10.28 -29.22 26.67
N SER A 449 10.35 -30.36 25.99
CA SER A 449 11.47 -31.28 26.18
C SER A 449 12.14 -31.60 24.85
N CYS A 450 13.33 -32.18 24.95
CA CYS A 450 14.04 -32.64 23.78
C CYS A 450 13.40 -33.98 23.38
N PRO A 451 13.26 -34.24 22.08
CA PRO A 451 12.74 -35.55 21.62
C PRO A 451 13.77 -36.69 21.69
N SER A 455 18.64 -35.46 20.88
CA SER A 455 19.84 -34.72 21.25
C SER A 455 19.60 -33.21 21.39
N LEU A 456 20.23 -32.61 22.42
CA LEU A 456 19.94 -31.23 22.86
C LEU A 456 20.48 -30.16 21.91
N PRO A 457 19.73 -29.04 21.76
CA PRO A 457 20.14 -27.99 20.83
C PRO A 457 21.48 -27.38 21.19
N ASP A 458 22.10 -26.76 20.20
CA ASP A 458 23.43 -26.25 20.32
C ASP A 458 23.33 -24.84 20.83
N LEU A 459 23.94 -24.57 21.98
CA LEU A 459 23.83 -23.25 22.62
C LEU A 459 24.96 -22.27 22.30
N GLN A 460 25.68 -22.49 21.21
CA GLN A 460 26.75 -21.57 20.84
C GLN A 460 26.18 -20.28 20.27
N GLY A 461 25.33 -20.43 19.25
CA GLY A 461 24.74 -19.28 18.62
C GLY A 461 25.36 -18.91 17.28
N ARG A 462 24.54 -18.32 16.44
CA ARG A 462 24.88 -17.94 15.09
C ARG A 462 24.49 -16.48 15.00
N PHE A 463 25.20 -15.71 14.20
CA PHE A 463 24.86 -14.31 14.04
C PHE A 463 24.14 -14.04 12.71
N GLY A 464 22.84 -13.80 12.78
CA GLY A 464 22.09 -13.31 11.64
C GLY A 464 22.23 -11.80 11.62
N VAL A 465 21.11 -11.13 11.85
CA VAL A 465 21.12 -9.71 12.19
C VAL A 465 21.04 -9.56 13.72
N VAL A 466 20.87 -10.67 14.42
CA VAL A 466 21.04 -10.78 15.86
C VAL A 466 21.81 -12.07 16.18
N LEU A 467 22.25 -12.23 17.43
CA LEU A 467 22.84 -13.51 17.88
C LEU A 467 21.73 -14.52 18.29
N GLN A 468 21.72 -15.68 17.64
CA GLN A 468 20.59 -16.58 17.79
C GLN A 468 20.99 -18.03 17.70
N PRO A 469 20.23 -18.91 18.36
CA PRO A 469 20.57 -20.32 18.38
C PRO A 469 20.26 -20.93 17.06
N GLU A 470 20.98 -21.99 16.70
CA GLU A 470 20.69 -22.69 15.45
C GLU A 470 19.34 -23.36 15.58
N ARG A 471 18.60 -23.41 14.46
CA ARG A 471 17.31 -24.08 14.35
C ARG A 471 17.35 -25.38 15.14
N TYR A 472 16.33 -25.65 15.95
CA TYR A 472 16.24 -26.91 16.69
C TYR A 472 14.83 -27.47 16.68
N THR A 473 14.72 -28.79 16.88
CA THR A 473 13.43 -29.45 17.14
C THR A 473 13.23 -29.58 18.64
N VAL A 474 11.98 -29.41 19.07
CA VAL A 474 11.60 -29.60 20.45
C VAL A 474 10.22 -30.24 20.59
N THR A 475 10.11 -31.24 21.47
CA THR A 475 8.83 -31.81 21.83
C THR A 475 8.01 -30.88 22.75
N VAL A 476 6.78 -30.58 22.31
CA VAL A 476 5.83 -29.68 22.99
C VAL A 476 4.66 -30.47 23.60
N THR A 477 4.48 -30.42 24.92
CA THR A 477 3.49 -31.24 25.62
C THR A 477 2.76 -30.48 26.72
N PRO A 478 1.43 -30.51 26.71
CA PRO A 478 0.67 -29.73 27.67
C PRO A 478 0.24 -30.56 28.83
N ARG A 479 -0.82 -30.13 29.50
CA ARG A 479 -1.54 -30.96 30.45
C ARG A 479 -2.74 -31.70 29.82
N ASN B 38 -38.36 -2.64 -13.24
CA ASN B 38 -38.79 -3.70 -14.22
C ASN B 38 -37.90 -3.69 -15.47
N LEU B 39 -37.72 -2.50 -16.04
CA LEU B 39 -36.83 -2.22 -17.16
C LEU B 39 -35.92 -1.08 -16.76
N PRO B 40 -34.62 -1.17 -17.04
CA PRO B 40 -33.77 -0.03 -16.70
C PRO B 40 -34.26 1.19 -17.45
N PRO B 41 -34.12 2.38 -16.86
CA PRO B 41 -34.63 3.59 -17.53
C PRO B 41 -34.25 3.64 -19.03
N HIS B 42 -32.98 3.42 -19.38
CA HIS B 42 -32.58 3.54 -20.79
C HIS B 42 -33.45 2.68 -21.71
N LEU B 43 -33.74 1.45 -21.32
CA LEU B 43 -34.59 0.63 -22.15
C LEU B 43 -36.04 1.08 -22.06
N LEU B 44 -36.44 1.68 -20.94
CA LEU B 44 -37.86 2.06 -20.73
C LEU B 44 -38.24 3.21 -21.65
N PHE B 45 -37.55 4.33 -21.49
CA PHE B 45 -37.79 5.49 -22.29
C PHE B 45 -37.43 5.32 -23.74
N THR B 46 -36.66 4.29 -24.08
CA THR B 46 -36.53 3.91 -25.47
C THR B 46 -37.87 3.31 -25.93
N GLN B 47 -38.45 2.45 -25.09
CA GLN B 47 -39.72 1.77 -25.38
C GLN B 47 -40.87 2.74 -25.57
N LEU B 48 -40.91 3.74 -24.70
CA LEU B 48 -42.00 4.71 -24.71
C LEU B 48 -41.92 5.65 -25.91
N SER B 49 -40.71 6.07 -26.27
CA SER B 49 -40.50 6.93 -27.45
C SER B 49 -41.32 6.53 -28.66
N SER B 50 -41.31 5.25 -28.97
CA SER B 50 -42.13 4.72 -30.04
C SER B 50 -43.52 5.32 -29.99
N GLN B 51 -44.15 5.21 -28.84
CA GLN B 51 -45.62 5.28 -28.75
C GLN B 51 -46.10 6.62 -28.21
N TYR B 52 -45.53 7.05 -27.10
CA TYR B 52 -45.68 8.43 -26.64
C TYR B 52 -44.62 9.20 -27.39
N GLY B 53 -44.33 10.46 -27.11
CA GLY B 53 -43.18 11.10 -27.83
C GLY B 53 -41.74 10.62 -27.55
N PRO B 54 -40.73 11.11 -28.31
CA PRO B 54 -39.28 10.91 -28.00
C PRO B 54 -38.71 11.86 -26.95
N LEU B 55 -39.55 12.70 -26.36
CA LEU B 55 -39.13 13.68 -25.37
C LEU B 55 -40.12 13.65 -24.22
N PHE B 56 -39.69 13.16 -23.07
CA PHE B 56 -40.52 12.93 -21.89
C PHE B 56 -40.19 13.90 -20.80
N GLY B 57 -41.21 14.39 -20.11
CA GLY B 57 -41.00 15.26 -18.97
C GLY B 57 -41.27 14.48 -17.71
N LEU B 58 -40.34 14.56 -16.75
CA LEU B 58 -40.58 14.03 -15.41
C LEU B 58 -40.59 15.20 -14.46
N TYR B 59 -41.40 15.10 -13.41
CA TYR B 59 -41.43 16.11 -12.38
C TYR B 59 -41.17 15.44 -11.06
N ALA B 60 -39.99 15.72 -10.50
CA ALA B 60 -39.65 15.29 -9.17
C ALA B 60 -38.82 16.39 -8.58
N GLY B 61 -39.19 16.83 -7.39
CA GLY B 61 -38.56 17.99 -6.78
C GLY B 61 -38.87 19.23 -7.60
N PRO B 62 -38.14 20.33 -7.35
CA PRO B 62 -38.40 21.57 -8.08
C PRO B 62 -37.89 21.54 -9.52
N HIS B 63 -37.17 20.48 -9.88
CA HIS B 63 -36.58 20.40 -11.20
C HIS B 63 -37.29 19.47 -12.16
N LEU B 64 -37.61 20.03 -13.31
CA LEU B 64 -38.04 19.26 -14.43
C LEU B 64 -36.84 18.44 -14.86
N THR B 65 -37.09 17.17 -15.13
CA THR B 65 -36.12 16.30 -15.77
C THR B 65 -36.66 15.85 -17.15
N LEU B 66 -36.04 16.36 -18.21
CA LEU B 66 -36.45 16.02 -19.58
C LEU B 66 -35.66 14.85 -20.07
N VAL B 67 -36.31 13.86 -20.66
CA VAL B 67 -35.57 12.78 -21.27
C VAL B 67 -35.61 12.82 -22.81
N VAL B 68 -34.46 12.99 -23.43
CA VAL B 68 -34.38 13.04 -24.88
C VAL B 68 -33.90 11.73 -25.54
N SER B 69 -34.73 11.18 -26.42
CA SER B 69 -34.45 9.88 -27.02
C SER B 69 -34.37 9.89 -28.56
N GLU B 70 -34.14 11.04 -29.18
CA GLU B 70 -34.07 11.09 -30.62
C GLU B 70 -32.95 11.99 -31.04
N ILE B 71 -32.27 11.59 -32.12
CA ILE B 71 -31.08 12.27 -32.62
C ILE B 71 -31.21 13.77 -32.86
N GLY B 72 -32.28 14.20 -33.52
CA GLY B 72 -32.49 15.63 -33.75
C GLY B 72 -32.49 16.33 -32.42
N LEU B 73 -33.27 15.80 -31.51
CA LEU B 73 -33.42 16.42 -30.21
C LEU B 73 -32.15 16.44 -29.43
N VAL B 74 -31.37 15.35 -29.48
CA VAL B 74 -30.11 15.31 -28.73
C VAL B 74 -29.02 16.15 -29.38
N ARG B 75 -29.04 16.29 -30.70
CA ARG B 75 -28.09 17.19 -31.36
C ARG B 75 -28.43 18.62 -31.03
N GLU B 76 -29.72 18.91 -30.84
CA GLU B 76 -30.08 20.26 -30.44
C GLU B 76 -29.63 20.53 -29.02
N VAL B 77 -29.61 19.51 -28.18
CA VAL B 77 -29.13 19.66 -26.79
C VAL B 77 -27.62 19.84 -26.72
N LEU B 78 -26.89 18.88 -27.28
CA LEU B 78 -25.46 18.90 -27.21
C LEU B 78 -24.90 20.05 -28.07
N LEU B 79 -25.18 20.07 -29.38
CA LEU B 79 -24.63 21.10 -30.28
C LEU B 79 -25.40 22.43 -30.35
N GLN B 80 -26.53 22.47 -31.06
CA GLN B 80 -27.24 23.72 -31.35
C GLN B 80 -27.28 24.66 -30.15
N ARG B 81 -27.75 24.17 -28.99
CA ARG B 81 -27.73 24.98 -27.77
C ARG B 81 -26.95 24.31 -26.63
N GLY B 82 -25.77 23.81 -26.99
CA GLY B 82 -24.87 23.13 -26.07
C GLY B 82 -24.37 23.92 -24.89
N ARG B 83 -24.18 25.23 -25.10
CA ARG B 83 -23.74 26.12 -24.03
C ARG B 83 -24.83 26.34 -23.00
N GLU B 84 -26.07 26.46 -23.49
CA GLU B 84 -27.21 26.71 -22.65
C GLU B 84 -27.57 25.49 -21.82
N PHE B 85 -27.28 24.31 -22.35
CA PHE B 85 -27.46 23.06 -21.59
C PHE B 85 -26.13 22.50 -21.01
N ALA B 86 -25.13 23.36 -20.77
CA ALA B 86 -23.81 22.89 -20.26
C ALA B 86 -23.71 22.92 -18.74
N GLY B 87 -24.86 22.99 -18.08
CA GLY B 87 -24.90 23.02 -16.64
C GLY B 87 -24.78 21.62 -16.13
N ARG B 88 -24.43 21.49 -14.86
CA ARG B 88 -24.29 20.19 -14.20
C ARG B 88 -24.96 20.25 -12.83
N PRO B 89 -25.59 19.16 -12.42
CA PRO B 89 -26.35 19.05 -11.17
C PRO B 89 -25.50 18.84 -9.88
N LYS B 90 -25.91 19.49 -8.78
CA LYS B 90 -25.27 19.29 -7.45
C LYS B 90 -25.97 18.20 -6.62
N MET B 91 -25.34 17.02 -6.59
CA MET B 91 -25.79 15.89 -5.76
C MET B 91 -24.77 15.72 -4.60
N VAL B 92 -25.15 14.94 -3.61
CA VAL B 92 -24.29 14.70 -2.49
C VAL B 92 -23.19 13.74 -2.90
N THR B 93 -23.57 12.70 -3.60
CA THR B 93 -22.62 11.71 -4.06
C THR B 93 -21.51 12.39 -4.85
N THR B 94 -21.88 13.21 -5.82
CA THR B 94 -20.92 13.84 -6.69
C THR B 94 -20.10 14.84 -5.93
N ASP B 95 -20.66 15.41 -4.87
CA ASP B 95 -19.94 16.37 -4.07
C ASP B 95 -18.78 15.71 -3.40
N LEU B 96 -19.03 14.55 -2.79
CA LEU B 96 -17.96 13.85 -2.12
C LEU B 96 -16.89 13.42 -3.13
N LEU B 97 -17.30 13.08 -4.34
CA LEU B 97 -16.35 12.65 -5.36
C LEU B 97 -15.45 13.76 -5.86
N THR B 98 -15.90 15.00 -5.77
CA THR B 98 -15.30 16.11 -6.51
C THR B 98 -15.04 17.39 -5.70
N GLN B 99 -15.16 17.32 -4.40
CA GLN B 99 -14.97 18.51 -3.55
C GLN B 99 -15.89 19.64 -4.02
N GLY B 100 -17.17 19.30 -4.21
CA GLY B 100 -18.16 20.27 -4.66
C GLY B 100 -17.96 20.73 -6.10
N GLY B 101 -17.68 19.80 -7.01
CA GLY B 101 -17.49 20.17 -8.39
C GLY B 101 -16.27 21.05 -8.65
N LYS B 102 -15.16 20.72 -7.99
CA LYS B 102 -13.82 21.24 -8.40
C LYS B 102 -13.14 20.29 -9.40
N ASP B 103 -13.94 19.38 -10.00
CA ASP B 103 -13.52 18.46 -11.06
C ASP B 103 -13.91 19.06 -12.40
N ILE B 104 -14.09 18.22 -13.42
CA ILE B 104 -14.67 18.65 -14.70
C ILE B 104 -16.06 18.08 -14.98
N ALA B 105 -16.28 16.80 -14.68
CA ALA B 105 -17.54 16.15 -15.07
C ALA B 105 -18.81 16.81 -14.47
N PHE B 106 -18.78 17.10 -13.17
CA PHE B 106 -19.93 17.64 -12.46
C PHE B 106 -19.72 19.09 -12.02
N ALA B 107 -18.87 19.79 -12.75
CA ALA B 107 -18.68 21.24 -12.55
C ALA B 107 -19.53 22.02 -13.54
N ASP B 108 -20.05 23.17 -13.13
CA ASP B 108 -20.81 24.03 -14.02
C ASP B 108 -19.93 24.64 -15.08
N TYR B 109 -20.51 24.87 -16.24
CA TYR B 109 -19.83 25.61 -17.30
C TYR B 109 -19.59 27.03 -16.80
N SER B 110 -18.38 27.55 -17.00
CA SER B 110 -17.94 28.81 -16.40
C SER B 110 -16.58 29.27 -16.97
N PRO B 111 -16.28 30.57 -16.86
CA PRO B 111 -14.91 30.95 -17.17
C PRO B 111 -13.87 30.05 -16.46
N LEU B 112 -14.07 29.79 -15.16
CA LEU B 112 -13.15 28.88 -14.47
C LEU B 112 -13.07 27.56 -15.23
N TRP B 113 -14.23 27.00 -15.51
CA TRP B 113 -14.30 25.69 -16.14
C TRP B 113 -13.69 25.63 -17.55
N LYS B 114 -13.88 26.68 -18.34
CA LYS B 114 -13.36 26.69 -19.69
C LYS B 114 -11.84 26.58 -19.66
N ASN B 115 -11.20 27.37 -18.79
CA ASN B 115 -9.72 27.34 -18.64
C ASN B 115 -9.30 25.99 -18.14
N HIS B 116 -10.05 25.51 -17.15
CA HIS B 116 -9.76 24.23 -16.57
C HIS B 116 -9.76 23.13 -17.65
N ARG B 117 -10.77 23.15 -18.52
CA ARG B 117 -10.89 22.12 -19.55
C ARG B 117 -9.82 22.21 -20.65
N ARG B 118 -9.49 23.43 -21.08
CA ARG B 118 -8.49 23.65 -22.14
C ARG B 118 -7.15 23.10 -21.70
N LEU B 119 -6.84 23.28 -20.42
CA LEU B 119 -5.65 22.72 -19.86
C LEU B 119 -5.66 21.20 -20.04
N VAL B 120 -6.75 20.57 -19.63
CA VAL B 120 -6.85 19.11 -19.67
C VAL B 120 -6.79 18.57 -21.10
N HIS B 121 -7.59 19.12 -21.99
CA HIS B 121 -7.59 18.64 -23.38
C HIS B 121 -6.20 18.81 -23.99
N SER B 122 -5.59 19.98 -23.76
CA SER B 122 -4.22 20.25 -24.20
C SER B 122 -3.23 19.21 -23.71
N SER B 123 -3.34 18.83 -22.43
CA SER B 123 -2.45 17.84 -21.88
C SER B 123 -2.69 16.50 -22.56
N PHE B 124 -3.92 15.98 -22.50
CA PHE B 124 -4.23 14.71 -23.19
C PHE B 124 -3.84 14.67 -24.66
N THR B 125 -3.97 15.81 -25.34
CA THR B 125 -3.61 15.90 -26.75
C THR B 125 -2.09 15.84 -26.96
N LEU B 126 -1.27 16.29 -26.00
CA LEU B 126 0.21 16.09 -26.10
C LEU B 126 0.52 14.59 -26.02
N PHE B 127 -0.23 13.84 -26.82
CA PHE B 127 -0.17 12.38 -26.97
C PHE B 127 -0.75 11.98 -28.37
N GLY B 128 -1.48 12.90 -28.99
CA GLY B 128 -1.54 13.00 -30.45
C GLY B 128 -0.19 13.44 -30.96
N GLU B 129 0.57 14.12 -30.10
CA GLU B 129 2.03 14.11 -30.19
C GLU B 129 2.52 13.48 -28.89
N GLY B 130 3.20 14.24 -28.04
CA GLY B 130 3.69 13.72 -26.78
C GLY B 130 4.66 12.57 -26.65
N SER B 131 5.56 12.30 -27.59
CA SER B 131 5.27 12.14 -29.00
C SER B 131 4.65 10.74 -29.00
N ASN B 132 5.26 9.85 -28.23
CA ASN B 132 4.79 8.52 -28.00
C ASN B 132 4.78 8.20 -26.51
N LYS B 133 4.59 9.21 -25.64
CA LYS B 133 4.47 8.99 -24.19
C LYS B 133 3.37 8.01 -23.91
N LEU B 134 2.23 8.25 -24.54
CA LEU B 134 1.04 7.46 -24.30
C LEU B 134 1.16 6.11 -24.96
N GLN B 135 1.60 6.12 -26.21
CA GLN B 135 1.79 4.88 -26.93
C GLN B 135 2.63 3.90 -26.11
N THR B 136 3.75 4.39 -25.57
CA THR B 136 4.71 3.55 -24.85
C THR B 136 4.10 2.98 -23.59
N ILE B 137 3.63 3.89 -22.74
CA ILE B 137 2.94 3.52 -21.56
C ILE B 137 1.99 2.37 -21.93
N VAL B 138 1.15 2.59 -22.94
CA VAL B 138 0.06 1.63 -23.22
C VAL B 138 0.60 0.36 -23.88
N GLN B 139 1.71 0.50 -24.58
CA GLN B 139 2.34 -0.64 -25.24
C GLN B 139 3.00 -1.54 -24.19
N GLU B 140 3.74 -0.95 -23.26
CA GLU B 140 4.35 -1.71 -22.16
C GLU B 140 3.30 -2.23 -21.19
N ALA B 141 2.27 -1.43 -20.95
CA ALA B 141 1.17 -1.88 -20.14
C ALA B 141 0.49 -3.07 -20.83
N ALA B 142 0.38 -3.03 -22.15
CA ALA B 142 -0.23 -4.15 -22.85
C ALA B 142 0.60 -5.43 -22.73
N ASP B 143 1.93 -5.28 -22.66
CA ASP B 143 2.82 -6.45 -22.51
C ASP B 143 2.71 -7.18 -21.16
N SER B 144 2.62 -6.45 -20.04
CA SER B 144 2.43 -7.08 -18.73
C SER B 144 1.15 -7.93 -18.80
N LEU B 145 0.08 -7.29 -19.30
CA LEU B 145 -1.22 -7.95 -19.52
C LEU B 145 -1.04 -9.18 -20.38
N CYS B 146 -0.38 -9.00 -21.52
CA CYS B 146 -0.13 -10.13 -22.40
C CYS B 146 0.60 -11.25 -21.69
N GLU B 147 1.58 -10.91 -20.86
CA GLU B 147 2.31 -11.92 -20.10
C GLU B 147 1.38 -12.68 -19.18
N GLU B 148 0.67 -11.94 -18.34
CA GLU B 148 -0.26 -12.54 -17.40
C GLU B 148 -1.18 -13.53 -18.09
N LEU B 149 -1.46 -13.29 -19.36
CA LEU B 149 -2.46 -14.08 -20.07
C LEU B 149 -1.93 -15.43 -20.57
N GLN B 150 -0.78 -15.42 -21.26
CA GLN B 150 -0.18 -16.67 -21.72
C GLN B 150 0.28 -17.55 -20.56
N ALA B 151 0.48 -16.94 -19.39
CA ALA B 151 0.79 -17.69 -18.15
C ALA B 151 -0.38 -18.56 -17.65
N CYS B 152 -1.61 -18.22 -18.03
CA CYS B 152 -2.80 -18.99 -17.65
C CYS B 152 -3.49 -19.59 -18.87
N ARG B 153 -2.73 -20.00 -19.88
CA ARG B 153 -3.31 -20.72 -21.01
C ARG B 153 -3.69 -22.12 -20.49
N GLY B 154 -4.76 -22.69 -21.05
CA GLY B 154 -5.35 -23.92 -20.52
C GLY B 154 -6.25 -23.67 -19.30
N GLN B 155 -6.50 -22.39 -18.99
CA GLN B 155 -7.28 -22.00 -17.82
C GLN B 155 -8.49 -21.17 -18.24
N SER B 156 -9.65 -21.56 -17.71
CA SER B 156 -10.87 -20.78 -17.86
C SER B 156 -10.77 -19.51 -17.01
N SER B 157 -10.09 -18.49 -17.54
CA SER B 157 -9.88 -17.26 -16.80
C SER B 157 -11.06 -16.27 -16.87
N ASP B 158 -11.08 -15.37 -15.90
CA ASP B 158 -12.03 -14.27 -15.82
C ASP B 158 -11.23 -12.99 -16.05
N LEU B 159 -11.32 -12.44 -17.25
CA LEU B 159 -10.61 -11.19 -17.53
C LEU B 159 -11.18 -10.12 -16.64
N SER B 160 -10.71 -8.88 -16.74
CA SER B 160 -11.28 -7.78 -15.92
C SER B 160 -10.49 -7.60 -14.66
N VAL B 161 -10.24 -8.70 -13.96
CA VAL B 161 -9.32 -8.65 -12.87
C VAL B 161 -8.01 -8.18 -13.48
N VAL B 162 -7.59 -8.86 -14.53
CA VAL B 162 -6.37 -8.48 -15.26
C VAL B 162 -6.47 -7.15 -16.00
N LEU B 163 -7.62 -6.84 -16.60
CA LEU B 163 -7.75 -5.61 -17.42
C LEU B 163 -7.89 -4.35 -16.58
N MET B 164 -8.47 -4.49 -15.38
CA MET B 164 -8.51 -3.37 -14.48
C MET B 164 -7.09 -2.93 -14.19
N ARG B 165 -6.29 -3.86 -13.69
CA ARG B 165 -4.89 -3.61 -13.39
C ARG B 165 -4.19 -2.88 -14.54
N ALA B 166 -4.35 -3.43 -15.75
CA ALA B 166 -3.80 -2.85 -16.99
C ALA B 166 -4.22 -1.40 -17.18
N VAL B 167 -5.54 -1.12 -17.19
CA VAL B 167 -5.95 0.29 -17.38
C VAL B 167 -5.50 1.11 -16.15
N THR B 168 -5.76 0.61 -14.95
CA THR B 168 -5.32 1.33 -13.75
C THR B 168 -3.86 1.79 -13.76
N ASN B 169 -2.94 0.90 -14.17
CA ASN B 169 -1.51 1.25 -14.32
C ASN B 169 -1.38 2.39 -15.31
N VAL B 170 -1.87 2.17 -16.52
CA VAL B 170 -1.73 3.18 -17.56
C VAL B 170 -2.07 4.55 -17.02
N ILE B 171 -3.19 4.66 -16.32
CA ILE B 171 -3.62 5.94 -15.75
C ILE B 171 -2.65 6.41 -14.65
N CYS B 172 -2.31 5.51 -13.73
CA CYS B 172 -1.32 5.80 -12.72
C CYS B 172 -0.04 6.37 -13.34
N ARG B 173 0.38 5.75 -14.45
CA ARG B 173 1.58 6.16 -15.11
C ARG B 173 1.30 7.50 -15.76
N LEU B 174 0.24 7.55 -16.54
CA LEU B 174 -0.09 8.77 -17.25
C LEU B 174 -0.27 9.95 -16.31
N VAL B 175 -0.60 9.66 -15.07
CA VAL B 175 -0.96 10.69 -14.15
C VAL B 175 0.17 11.03 -13.17
N PHE B 176 0.76 10.01 -12.50
CA PHE B 176 1.89 10.21 -11.55
C PHE B 176 3.24 9.85 -12.12
N SER B 177 3.26 9.06 -13.19
CA SER B 177 4.42 8.28 -13.56
C SER B 177 4.76 7.30 -12.43
N SER B 178 3.77 6.48 -12.09
CA SER B 178 3.96 5.29 -11.24
C SER B 178 4.96 4.36 -11.87
N SER B 179 5.43 3.43 -11.08
CA SER B 179 6.41 2.48 -11.53
C SER B 179 5.90 1.09 -11.16
N TYR B 180 4.61 0.98 -10.85
CA TYR B 180 4.14 -0.20 -10.12
C TYR B 180 4.31 -1.48 -10.91
N GLN B 181 4.55 -2.58 -10.18
CA GLN B 181 4.41 -3.91 -10.74
C GLN B 181 3.33 -4.60 -9.93
N PRO B 182 2.63 -5.59 -10.53
CA PRO B 182 1.45 -6.14 -9.87
C PRO B 182 1.61 -6.34 -8.37
N SER B 183 2.78 -6.77 -7.91
CA SER B 183 2.99 -6.98 -6.47
C SER B 183 2.75 -5.75 -5.59
N ASP B 184 3.06 -4.55 -6.10
CA ASP B 184 3.00 -3.31 -5.31
C ASP B 184 1.66 -3.15 -4.59
N PRO B 185 1.70 -2.96 -3.25
CA PRO B 185 0.48 -2.63 -2.50
C PRO B 185 -0.16 -1.29 -2.86
N GLU B 186 0.64 -0.31 -3.24
CA GLU B 186 0.09 0.96 -3.71
C GLU B 186 -0.81 0.76 -4.95
N LEU B 187 -0.38 -0.11 -5.88
CA LEU B 187 -1.24 -0.49 -7.00
C LEU B 187 -2.52 -1.15 -6.51
N GLN B 188 -2.39 -2.07 -5.57
CA GLN B 188 -3.54 -2.75 -5.02
C GLN B 188 -4.50 -1.79 -4.35
N THR B 189 -3.95 -0.74 -3.75
CA THR B 189 -4.72 0.23 -2.98
C THR B 189 -5.52 1.15 -3.89
N VAL B 190 -4.89 1.50 -5.02
CA VAL B 190 -5.55 2.24 -6.09
C VAL B 190 -6.74 1.40 -6.47
N ILE B 191 -6.50 0.15 -6.87
CA ILE B 191 -7.62 -0.73 -7.23
C ILE B 191 -8.67 -0.88 -6.11
N GLN B 192 -8.24 -1.00 -4.86
CA GLN B 192 -9.19 -1.33 -3.81
C GLN B 192 -10.13 -0.20 -3.51
N TYR B 193 -9.65 1.03 -3.59
CA TYR B 193 -10.49 2.16 -3.26
C TYR B 193 -11.20 2.79 -4.45
N ASN B 194 -10.67 2.63 -5.67
CA ASN B 194 -11.45 2.92 -6.91
C ASN B 194 -12.66 1.98 -6.92
N ASP B 195 -12.38 0.68 -6.80
CA ASP B 195 -13.45 -0.29 -6.73
C ASP B 195 -14.40 -0.05 -5.52
N GLY B 196 -13.86 0.32 -4.37
CA GLY B 196 -14.69 0.73 -3.24
C GLY B 196 -15.65 1.83 -3.69
N ILE B 197 -15.10 2.93 -4.21
CA ILE B 197 -15.92 4.02 -4.64
C ILE B 197 -17.02 3.48 -5.55
N VAL B 198 -16.63 2.69 -6.54
CA VAL B 198 -17.58 2.14 -7.50
C VAL B 198 -18.69 1.36 -6.79
N GLN B 199 -18.34 0.21 -6.20
CA GLN B 199 -19.32 -0.72 -5.67
C GLN B 199 -20.30 0.07 -4.83
N THR B 200 -19.77 0.84 -3.89
CA THR B 200 -20.57 1.73 -3.09
C THR B 200 -21.60 2.43 -3.98
N ILE B 201 -21.14 3.26 -4.90
CA ILE B 201 -22.07 4.02 -5.75
C ILE B 201 -23.10 3.10 -6.42
N ALA B 202 -22.69 1.87 -6.72
CA ALA B 202 -23.55 0.97 -7.50
C ALA B 202 -24.96 0.89 -6.92
N ARG B 203 -25.07 0.92 -5.59
CA ARG B 203 -26.36 0.85 -4.92
C ARG B 203 -26.91 2.25 -4.58
N GLY B 204 -27.22 3.01 -5.63
CA GLY B 204 -27.79 4.36 -5.50
C GLY B 204 -26.72 5.43 -5.51
N GLY B 205 -27.15 6.69 -5.52
CA GLY B 205 -26.22 7.81 -5.55
C GLY B 205 -25.32 7.82 -6.77
N ASN B 218 -28.68 7.33 1.00
CA ASN B 218 -28.85 6.78 2.35
C ASN B 218 -27.53 6.72 3.17
N LYS B 219 -27.33 7.20 4.25
CA LYS B 219 -26.00 7.24 4.92
C LYS B 219 -25.36 5.88 4.66
N ASP B 220 -24.00 5.78 4.73
CA ASP B 220 -23.17 4.84 3.92
C ASP B 220 -22.84 5.51 2.53
N LEU B 221 -23.17 6.81 2.43
CA LEU B 221 -22.30 7.83 1.88
C LEU B 221 -20.99 7.94 2.68
N LYS B 222 -21.04 7.62 3.96
CA LYS B 222 -19.86 7.70 4.81
C LYS B 222 -18.79 6.72 4.32
N ARG B 223 -19.21 5.53 3.91
CA ARG B 223 -18.28 4.55 3.38
C ARG B 223 -17.67 5.04 2.08
N LEU B 224 -18.39 5.93 1.39
CA LEU B 224 -17.88 6.61 0.21
C LEU B 224 -16.94 7.71 0.60
N LYS B 225 -17.30 8.48 1.62
CA LYS B 225 -16.36 9.43 2.22
C LYS B 225 -15.03 8.73 2.56
N GLU B 226 -15.08 7.57 3.18
CA GLU B 226 -13.87 6.82 3.43
C GLU B 226 -13.06 6.61 2.13
N CYS B 227 -13.61 5.85 1.19
CA CYS B 227 -12.81 5.42 0.04
C CYS B 227 -12.21 6.59 -0.70
N VAL B 228 -12.99 7.64 -0.84
CA VAL B 228 -12.55 8.89 -1.46
C VAL B 228 -11.36 9.47 -0.69
N SER B 229 -11.46 9.47 0.63
CA SER B 229 -10.42 10.04 1.48
C SER B 229 -9.08 9.40 1.16
N ILE B 230 -9.04 8.08 1.20
CA ILE B 230 -7.83 7.35 0.86
C ILE B 230 -7.40 7.61 -0.57
N ARG B 231 -8.35 7.84 -1.46
CA ARG B 231 -8.00 8.14 -2.84
C ARG B 231 -7.30 9.50 -2.92
N ASP B 232 -7.86 10.50 -2.26
CA ASP B 232 -7.35 11.87 -2.37
C ASP B 232 -6.00 12.06 -1.67
N GLN B 233 -5.86 11.53 -0.46
CA GLN B 233 -4.64 11.67 0.31
C GLN B 233 -3.48 11.21 -0.53
N LEU B 234 -3.58 9.97 -0.99
CA LEU B 234 -2.55 9.33 -1.77
C LEU B 234 -2.17 10.22 -2.95
N LEU B 235 -3.16 10.57 -3.76
CA LEU B 235 -2.95 11.53 -4.82
C LEU B 235 -2.27 12.80 -4.30
N TYR B 236 -2.78 13.37 -3.21
CA TYR B 236 -2.24 14.61 -2.68
C TYR B 236 -0.75 14.50 -2.36
N LYS B 237 -0.36 13.38 -1.74
CA LYS B 237 1.06 13.09 -1.51
C LYS B 237 1.74 13.09 -2.85
N LYS B 238 1.21 12.29 -3.76
CA LYS B 238 1.82 12.15 -5.07
C LYS B 238 1.91 13.53 -5.79
N LEU B 239 1.00 14.44 -5.44
CA LEU B 239 1.05 15.83 -5.93
C LEU B 239 2.22 16.63 -5.35
N LEU B 240 2.28 16.73 -4.03
CA LEU B 240 3.37 17.45 -3.36
C LEU B 240 4.71 16.95 -3.90
N GLU B 241 4.86 15.62 -3.94
CA GLU B 241 6.00 14.95 -4.57
C GLU B 241 6.31 15.42 -5.98
N HIS B 242 5.29 15.85 -6.72
CA HIS B 242 5.48 16.36 -8.09
C HIS B 242 5.97 17.78 -8.10
N LYS B 243 5.49 18.57 -7.13
CA LYS B 243 5.79 19.98 -7.10
C LYS B 243 7.28 20.23 -6.92
N LYS B 244 8.00 19.33 -6.24
CA LYS B 244 9.44 19.34 -6.28
C LYS B 244 9.90 19.17 -7.74
N SER B 245 9.99 17.94 -8.26
CA SER B 245 10.73 17.67 -9.50
C SER B 245 9.93 18.18 -10.69
N LEU B 246 10.15 19.44 -11.06
CA LEU B 246 9.21 20.14 -11.93
C LEU B 246 9.81 20.72 -13.21
N THR B 247 9.49 20.10 -14.35
CA THR B 247 10.07 20.46 -15.66
C THR B 247 8.99 21.07 -16.59
N PRO B 248 8.81 22.40 -16.54
CA PRO B 248 7.85 23.10 -17.42
C PRO B 248 8.04 22.86 -18.93
N GLY B 249 9.26 22.53 -19.36
CA GLY B 249 9.56 22.32 -20.77
C GLY B 249 9.09 20.98 -21.31
N GLU B 250 9.70 19.90 -20.81
CA GLU B 250 9.31 18.53 -21.13
C GLU B 250 8.48 17.99 -19.96
N PRO B 251 7.13 17.97 -20.08
CA PRO B 251 6.31 17.43 -18.98
C PRO B 251 6.19 15.90 -19.01
N ARG B 252 6.36 15.29 -17.84
CA ARG B 252 6.45 13.82 -17.71
C ARG B 252 5.11 13.19 -17.38
N ASP B 253 4.19 14.00 -16.88
CA ASP B 253 2.96 13.52 -16.28
C ASP B 253 1.82 14.47 -16.49
N LEU B 254 0.60 13.95 -16.33
CA LEU B 254 -0.58 14.78 -16.37
C LEU B 254 -0.63 15.66 -15.15
N LEU B 255 -0.30 15.05 -14.02
CA LEU B 255 -0.16 15.78 -12.78
C LEU B 255 0.79 16.95 -12.98
N ASP B 256 1.90 16.67 -13.66
CA ASP B 256 2.86 17.71 -14.07
C ASP B 256 2.17 18.80 -14.85
N ALA B 257 1.63 18.45 -16.00
CA ALA B 257 1.00 19.43 -16.87
C ALA B 257 0.03 20.29 -16.09
N LEU B 258 -0.77 19.65 -15.25
CA LEU B 258 -1.75 20.37 -14.48
C LEU B 258 -1.09 21.42 -13.61
N LEU B 259 -0.02 21.05 -12.92
CA LEU B 259 0.75 22.03 -12.17
C LEU B 259 1.37 23.11 -13.07
N ILE B 260 2.01 22.70 -14.17
CA ILE B 260 2.62 23.66 -15.13
C ILE B 260 1.63 24.77 -15.48
N GLY B 261 0.43 24.37 -15.90
CA GLY B 261 -0.64 25.30 -16.18
C GLY B 261 -1.11 26.05 -14.95
N GLN B 262 -1.26 25.33 -13.83
CA GLN B 262 -1.73 25.93 -12.60
C GLN B 262 -0.73 26.93 -12.03
N GLN B 263 0.56 26.77 -12.35
CA GLN B 263 1.60 27.77 -12.06
C GLN B 263 1.20 29.15 -12.55
N ARG B 264 0.64 29.19 -13.75
CA ARG B 264 0.47 30.43 -14.50
C ARG B 264 -0.83 31.07 -14.03
N GLY B 265 -0.82 31.53 -12.80
CA GLY B 265 -2.04 31.96 -12.16
C GLY B 265 -1.78 32.93 -11.04
N SER B 266 -2.66 33.93 -10.94
CA SER B 266 -2.73 34.82 -9.80
C SER B 266 -3.89 34.32 -8.92
N GLY B 267 -4.17 35.06 -7.85
CA GLY B 267 -5.46 34.94 -7.16
C GLY B 267 -6.49 35.67 -8.02
N GLY B 268 -7.13 34.92 -8.91
CA GLY B 268 -8.03 35.50 -9.89
C GLY B 268 -9.42 34.91 -9.84
N ALA B 269 -10.32 35.47 -10.64
CA ALA B 269 -11.69 34.99 -10.67
C ALA B 269 -11.80 33.62 -11.32
N ASP B 270 -10.97 33.36 -12.32
CA ASP B 270 -11.13 32.21 -13.20
C ASP B 270 -9.90 31.29 -13.18
N ASP B 271 -9.03 31.45 -12.19
CA ASP B 271 -7.82 30.63 -12.08
C ASP B 271 -8.13 29.37 -11.30
N ILE B 272 -7.58 28.24 -11.74
CA ILE B 272 -7.82 26.98 -11.04
C ILE B 272 -6.90 26.82 -9.83
N THR B 273 -7.52 26.65 -8.66
CA THR B 273 -6.82 26.29 -7.44
C THR B 273 -6.17 24.88 -7.57
N GLU B 274 -5.50 24.44 -6.52
CA GLU B 274 -4.85 23.13 -6.52
C GLU B 274 -5.85 22.00 -6.23
N ASP B 275 -6.95 22.34 -5.60
CA ASP B 275 -8.06 21.40 -5.43
C ASP B 275 -8.50 20.86 -6.81
N HIS B 276 -8.53 21.72 -7.84
CA HIS B 276 -8.89 21.32 -9.22
C HIS B 276 -7.91 20.39 -9.89
N VAL B 277 -6.65 20.54 -9.51
CA VAL B 277 -5.59 19.70 -10.01
C VAL B 277 -5.80 18.28 -9.49
N LEU B 278 -5.99 18.21 -8.18
CA LEU B 278 -6.20 16.97 -7.49
C LEU B 278 -7.47 16.25 -7.93
N MET B 279 -8.59 16.99 -7.96
CA MET B 279 -9.90 16.47 -8.43
C MET B 279 -9.89 15.99 -9.87
N THR B 280 -9.10 16.64 -10.71
CA THR B 280 -8.91 16.18 -12.09
C THR B 280 -8.03 14.92 -12.14
N ALA B 281 -6.99 14.90 -11.32
CA ALA B 281 -6.13 13.72 -11.18
C ALA B 281 -6.98 12.52 -10.76
N ALA B 282 -7.84 12.73 -9.77
CA ALA B 282 -8.79 11.71 -9.38
C ALA B 282 -9.74 11.32 -10.53
N GLU B 283 -10.34 12.30 -11.19
CA GLU B 283 -11.29 12.01 -12.27
C GLU B 283 -10.76 11.16 -13.43
N ALA B 284 -9.44 11.13 -13.58
CA ALA B 284 -8.80 10.37 -14.62
C ALA B 284 -8.91 8.88 -14.30
N PHE B 285 -9.02 8.56 -13.02
CA PHE B 285 -9.34 7.20 -12.66
C PHE B 285 -10.84 6.99 -12.70
N GLY B 286 -11.57 7.86 -12.01
CA GLY B 286 -13.03 7.80 -11.97
C GLY B 286 -13.60 7.58 -13.34
N ALA B 287 -13.39 8.55 -14.23
CA ALA B 287 -13.96 8.50 -15.59
C ALA B 287 -13.18 7.63 -16.56
N GLY B 288 -11.95 7.24 -16.23
CA GLY B 288 -11.09 6.58 -17.22
C GLY B 288 -11.09 5.07 -17.11
N VAL B 289 -10.88 4.58 -15.90
CA VAL B 289 -10.90 3.15 -15.64
C VAL B 289 -12.36 2.86 -15.73
N GLU B 290 -12.72 1.66 -16.08
CA GLU B 290 -14.14 1.31 -16.04
C GLU B 290 -14.80 1.55 -17.39
N THR B 291 -14.74 2.78 -17.88
CA THR B 291 -15.12 3.04 -19.27
C THR B 291 -14.29 2.18 -20.26
N THR B 292 -12.99 2.19 -20.06
CA THR B 292 -12.11 1.50 -20.96
C THR B 292 -12.11 -0.01 -20.63
N SER B 293 -12.04 -0.35 -19.35
CA SER B 293 -12.03 -1.74 -18.92
C SER B 293 -13.29 -2.37 -19.46
N THR B 294 -14.38 -1.67 -19.25
CA THR B 294 -15.70 -2.16 -19.65
C THR B 294 -15.78 -2.33 -21.15
N THR B 295 -15.32 -1.32 -21.86
CA THR B 295 -15.29 -1.39 -23.31
C THR B 295 -14.42 -2.56 -23.79
N LEU B 296 -13.30 -2.75 -23.12
CA LEU B 296 -12.44 -3.86 -23.42
C LEU B 296 -13.13 -5.18 -23.16
N LEU B 297 -13.81 -5.29 -22.04
CA LEU B 297 -14.61 -6.48 -21.74
C LEU B 297 -15.73 -6.69 -22.76
N TRP B 298 -16.50 -5.67 -23.09
CA TRP B 298 -17.52 -5.84 -24.15
C TRP B 298 -16.94 -6.39 -25.46
N THR B 299 -15.88 -5.75 -25.94
CA THR B 299 -15.26 -6.20 -27.17
C THR B 299 -15.02 -7.71 -27.18
N ILE B 300 -14.31 -8.19 -26.17
CA ILE B 300 -14.00 -9.61 -26.08
C ILE B 300 -15.26 -10.44 -25.95
N ALA B 301 -16.22 -9.96 -25.16
CA ALA B 301 -17.48 -10.67 -25.03
C ALA B 301 -18.10 -10.88 -26.39
N PHE B 302 -18.06 -9.87 -27.26
CA PHE B 302 -18.66 -10.00 -28.61
C PHE B 302 -17.79 -10.89 -29.52
N LEU B 303 -16.48 -10.81 -29.35
CA LEU B 303 -15.63 -11.63 -30.19
C LEU B 303 -15.72 -13.10 -29.78
N LEU B 304 -16.13 -13.37 -28.54
CA LEU B 304 -16.42 -14.73 -28.13
C LEU B 304 -17.62 -15.26 -28.89
N HIS B 305 -18.65 -14.42 -29.06
CA HIS B 305 -19.88 -14.77 -29.80
C HIS B 305 -19.70 -14.80 -31.31
N HIS B 306 -18.73 -14.05 -31.81
CA HIS B 306 -18.51 -13.96 -33.24
C HIS B 306 -17.09 -14.44 -33.60
N PRO B 307 -16.86 -15.76 -33.49
CA PRO B 307 -15.52 -16.29 -33.69
C PRO B 307 -14.99 -16.05 -35.10
N GLN B 308 -15.84 -16.21 -36.11
CA GLN B 308 -15.42 -15.95 -37.51
C GLN B 308 -14.82 -14.53 -37.67
N LEU B 309 -15.44 -13.58 -36.99
CA LEU B 309 -15.04 -12.19 -37.02
C LEU B 309 -13.74 -11.91 -36.24
N GLN B 310 -13.53 -12.65 -35.15
CA GLN B 310 -12.24 -12.64 -34.47
C GLN B 310 -11.12 -12.99 -35.47
N GLU B 311 -11.24 -14.14 -36.13
CA GLU B 311 -10.28 -14.56 -37.17
C GLU B 311 -9.96 -13.46 -38.18
N ARG B 312 -10.97 -12.73 -38.63
CA ARG B 312 -10.77 -11.74 -39.66
C ARG B 312 -9.93 -10.56 -39.19
N VAL B 313 -10.22 -10.06 -38.00
CA VAL B 313 -9.46 -8.93 -37.46
C VAL B 313 -8.03 -9.41 -37.32
N GLN B 314 -7.88 -10.58 -36.69
CA GLN B 314 -6.56 -11.20 -36.55
C GLN B 314 -5.82 -11.24 -37.90
N ALA B 315 -6.54 -11.60 -38.95
CA ALA B 315 -5.95 -11.65 -40.29
C ALA B 315 -5.65 -10.27 -40.82
N GLU B 316 -6.50 -9.31 -40.51
CA GLU B 316 -6.25 -7.95 -40.92
C GLU B 316 -4.93 -7.52 -40.31
N LEU B 317 -4.79 -7.79 -39.03
CA LEU B 317 -3.57 -7.46 -38.31
C LEU B 317 -2.41 -8.21 -38.93
N ASP B 318 -2.58 -9.52 -39.13
CA ASP B 318 -1.47 -10.35 -39.60
C ASP B 318 -0.88 -9.81 -40.90
N GLU B 319 -1.73 -9.44 -41.83
CA GLU B 319 -1.30 -8.84 -43.07
C GLU B 319 -0.68 -7.46 -42.91
N CYS B 320 -1.26 -6.63 -42.06
CA CYS B 320 -0.85 -5.25 -41.98
C CYS B 320 0.32 -5.05 -41.04
N VAL B 321 0.39 -5.89 -40.02
CA VAL B 321 1.52 -5.94 -39.07
C VAL B 321 1.99 -7.38 -39.10
N GLY B 322 3.22 -7.66 -38.73
CA GLY B 322 3.63 -9.06 -38.65
C GLY B 322 2.97 -9.74 -37.47
N VAL B 323 3.04 -11.07 -37.43
CA VAL B 323 2.75 -11.86 -36.21
C VAL B 323 3.93 -11.77 -35.23
N ASP B 324 4.53 -10.58 -35.22
CA ASP B 324 5.66 -10.22 -34.41
C ASP B 324 5.64 -8.71 -34.59
N ARG B 325 6.11 -7.96 -33.60
CA ARG B 325 6.12 -6.49 -33.66
C ARG B 325 4.83 -5.89 -33.07
N PRO B 326 4.96 -4.81 -32.27
CA PRO B 326 3.80 -4.24 -31.67
C PRO B 326 3.11 -3.27 -32.65
N PRO B 327 1.76 -3.33 -32.79
CA PRO B 327 1.06 -2.35 -33.60
C PRO B 327 1.05 -0.99 -32.93
N CYS B 328 1.43 0.03 -33.67
CA CYS B 328 1.47 1.39 -33.16
C CYS B 328 0.41 2.19 -33.88
N LEU B 329 0.23 3.44 -33.49
CA LEU B 329 -0.88 4.28 -33.97
C LEU B 329 -0.88 4.59 -35.47
N SER B 330 0.29 4.55 -36.08
CA SER B 330 0.39 4.79 -37.52
C SER B 330 -0.24 3.66 -38.35
N ASP B 331 -0.52 2.52 -37.69
CA ASP B 331 -1.21 1.39 -38.32
C ASP B 331 -2.72 1.51 -38.42
N ARG B 332 -3.29 2.51 -37.76
CA ARG B 332 -4.76 2.63 -37.69
C ARG B 332 -5.40 2.68 -39.06
N PRO B 333 -4.94 3.60 -39.92
CA PRO B 333 -5.59 3.70 -41.25
C PRO B 333 -5.63 2.37 -42.05
N HIS B 334 -4.61 1.52 -41.86
CA HIS B 334 -4.54 0.19 -42.50
C HIS B 334 -5.28 -0.92 -41.75
N LEU B 335 -6.10 -0.54 -40.77
CA LEU B 335 -6.83 -1.48 -39.91
C LEU B 335 -8.27 -0.98 -39.76
N PRO B 336 -9.01 -0.96 -40.88
CA PRO B 336 -10.36 -0.44 -40.92
C PRO B 336 -11.39 -1.32 -40.20
N LEU B 337 -11.16 -2.64 -40.23
CA LEU B 337 -12.06 -3.60 -39.58
C LEU B 337 -11.97 -3.49 -38.07
N LEU B 338 -10.76 -3.61 -37.54
CA LEU B 338 -10.57 -3.47 -36.10
C LEU B 338 -11.23 -2.20 -35.62
N ASP B 339 -10.90 -1.06 -36.23
CA ASP B 339 -11.54 0.21 -35.91
C ASP B 339 -13.07 0.06 -35.86
N ALA B 340 -13.62 -0.50 -36.94
CA ALA B 340 -15.05 -0.70 -37.09
C ALA B 340 -15.62 -1.48 -35.94
N VAL B 341 -14.88 -2.47 -35.46
CA VAL B 341 -15.31 -3.24 -34.31
C VAL B 341 -15.42 -2.34 -33.03
N LEU B 342 -14.35 -1.63 -32.70
CA LEU B 342 -14.39 -0.64 -31.59
C LEU B 342 -15.58 0.32 -31.74
N CYS B 343 -15.95 0.66 -32.96
CA CYS B 343 -17.05 1.56 -33.17
C CYS B 343 -18.38 0.85 -32.85
N GLU B 344 -18.55 -0.32 -33.46
CA GLU B 344 -19.75 -1.10 -33.27
C GLU B 344 -19.91 -1.42 -31.79
N VAL B 345 -18.79 -1.72 -31.11
CA VAL B 345 -18.90 -2.07 -29.68
C VAL B 345 -19.43 -0.87 -28.89
N MET B 346 -18.70 0.25 -28.97
CA MET B 346 -19.17 1.52 -28.40
C MET B 346 -20.65 1.87 -28.72
N ARG B 347 -21.12 1.43 -29.89
CA ARG B 347 -22.47 1.72 -30.32
C ARG B 347 -23.53 0.83 -29.67
N ILE B 348 -23.25 -0.47 -29.62
CA ILE B 348 -24.24 -1.45 -29.26
C ILE B 348 -24.41 -1.65 -27.75
N ARG B 349 -23.46 -1.15 -26.97
CA ARG B 349 -23.60 -1.18 -25.51
C ARG B 349 -22.98 0.08 -24.90
N PRO B 350 -23.60 1.24 -25.13
CA PRO B 350 -22.98 2.47 -24.64
C PRO B 350 -22.65 2.38 -23.17
N VAL B 351 -21.54 2.97 -22.76
CA VAL B 351 -21.12 2.88 -21.35
C VAL B 351 -21.96 3.79 -20.45
N SER B 352 -22.55 4.83 -21.03
CA SER B 352 -23.53 5.64 -20.34
C SER B 352 -24.74 5.69 -21.24
N PRO B 353 -25.54 4.61 -21.21
CA PRO B 353 -26.74 4.59 -22.03
C PRO B 353 -27.63 5.83 -21.78
N ILE B 354 -27.50 6.44 -20.60
CA ILE B 354 -27.96 7.79 -20.35
C ILE B 354 -26.79 8.63 -19.85
N LEU B 355 -26.63 9.84 -20.38
CA LEU B 355 -25.48 10.67 -20.00
C LEU B 355 -25.62 11.36 -18.63
N ILE B 356 -24.57 12.05 -18.23
CA ILE B 356 -24.66 12.89 -17.06
C ILE B 356 -25.65 13.97 -17.39
N PRO B 357 -26.72 14.14 -16.61
CA PRO B 357 -27.58 15.32 -16.82
C PRO B 357 -26.89 16.56 -17.43
N HIS B 358 -27.60 17.25 -18.31
CA HIS B 358 -27.17 18.54 -18.86
C HIS B 358 -28.15 19.57 -18.38
N VAL B 359 -27.73 20.48 -17.52
CA VAL B 359 -28.66 21.44 -16.94
C VAL B 359 -28.79 22.67 -17.82
N ALA B 360 -30.00 23.20 -17.89
CA ALA B 360 -30.21 24.40 -18.62
C ALA B 360 -29.57 25.48 -17.77
N MET B 361 -28.54 26.14 -18.29
CA MET B 361 -27.91 27.28 -17.60
C MET B 361 -28.75 28.55 -17.71
N GLN B 362 -29.77 28.53 -18.56
CA GLN B 362 -30.75 29.63 -18.63
C GLN B 362 -32.05 29.20 -19.28
N ASP B 363 -33.00 30.12 -19.34
CA ASP B 363 -34.22 29.84 -20.09
C ASP B 363 -33.81 29.61 -21.51
N THR B 364 -34.48 28.65 -22.13
CA THR B 364 -34.02 28.11 -23.38
C THR B 364 -35.19 27.33 -23.95
N SER B 365 -35.08 26.89 -25.19
CA SER B 365 -36.08 26.03 -25.73
C SER B 365 -35.45 24.70 -25.97
N LEU B 366 -36.28 23.68 -26.15
CA LEU B 366 -35.83 22.41 -26.68
C LEU B 366 -36.97 21.84 -27.50
N GLY B 367 -36.71 21.35 -28.70
CA GLY B 367 -37.81 20.98 -29.57
C GLY B 367 -38.62 22.26 -29.66
N GLY B 368 -39.92 22.20 -29.87
CA GLY B 368 -40.71 23.44 -29.92
C GLY B 368 -40.88 24.26 -28.62
N HIS B 369 -40.40 23.73 -27.50
CA HIS B 369 -40.95 24.07 -26.21
C HIS B 369 -39.99 24.77 -25.27
N SER B 370 -40.52 25.71 -24.49
CA SER B 370 -39.72 26.45 -23.56
C SER B 370 -39.18 25.49 -22.52
N VAL B 371 -38.02 25.84 -21.97
CA VAL B 371 -37.30 24.96 -21.09
C VAL B 371 -36.68 25.92 -20.09
N PRO B 372 -37.26 26.00 -18.87
CA PRO B 372 -36.81 26.95 -17.87
C PRO B 372 -35.42 26.63 -17.41
N LYS B 373 -34.72 27.66 -16.97
CA LYS B 373 -33.46 27.46 -16.30
C LYS B 373 -33.58 26.51 -15.08
N GLY B 374 -32.62 25.60 -14.94
CA GLY B 374 -32.65 24.64 -13.86
C GLY B 374 -33.06 23.29 -14.36
N THR B 375 -33.67 23.24 -15.53
CA THR B 375 -34.13 21.97 -16.09
C THR B 375 -32.97 21.06 -16.41
N ARG B 376 -33.22 19.77 -16.29
CA ARG B 376 -32.21 18.75 -16.52
C ARG B 376 -32.60 17.91 -17.70
N VAL B 377 -31.61 17.55 -18.52
CA VAL B 377 -31.89 16.82 -19.72
C VAL B 377 -31.05 15.55 -19.73
N LEU B 378 -31.71 14.42 -19.77
CA LEU B 378 -31.04 13.16 -19.84
C LEU B 378 -30.98 12.68 -21.29
N VAL B 379 -29.77 12.63 -21.85
CA VAL B 379 -29.63 12.18 -23.22
C VAL B 379 -29.67 10.68 -23.21
N ASN B 380 -30.65 10.10 -23.88
CA ASN B 380 -30.76 8.64 -23.99
C ASN B 380 -29.89 8.20 -25.16
N MET B 381 -28.64 7.98 -24.82
CA MET B 381 -27.64 7.48 -25.72
C MET B 381 -27.99 6.07 -26.19
N TRP B 382 -28.77 5.34 -25.38
CA TRP B 382 -29.16 4.03 -25.84
C TRP B 382 -30.06 4.22 -27.07
N ALA B 383 -31.08 5.04 -26.88
CA ALA B 383 -32.11 5.23 -27.85
C ALA B 383 -31.49 5.61 -29.18
N ILE B 384 -30.69 6.66 -29.19
CA ILE B 384 -30.14 7.12 -30.43
C ILE B 384 -29.24 6.08 -31.10
N HIS B 385 -28.63 5.19 -30.32
CA HIS B 385 -27.73 4.19 -30.94
C HIS B 385 -28.43 2.94 -31.43
N HIS B 386 -29.68 2.76 -30.98
CA HIS B 386 -30.44 1.57 -31.30
C HIS B 386 -31.67 1.84 -32.17
N ASP B 387 -31.80 3.10 -32.58
CA ASP B 387 -32.97 3.61 -33.28
C ASP B 387 -33.13 3.02 -34.68
N PRO B 388 -34.18 2.20 -34.91
CA PRO B 388 -34.27 1.54 -36.24
C PRO B 388 -34.54 2.48 -37.37
N LYS B 389 -34.80 3.75 -37.08
CA LYS B 389 -34.99 4.69 -38.16
C LYS B 389 -33.64 5.15 -38.71
N HIS B 390 -32.55 4.98 -37.95
CA HIS B 390 -31.21 5.41 -38.40
C HIS B 390 -30.18 4.30 -38.44
N TRP B 391 -30.55 3.10 -38.00
CA TRP B 391 -29.62 1.99 -38.02
C TRP B 391 -30.33 0.76 -38.53
N ASP B 392 -29.68 0.02 -39.43
CA ASP B 392 -30.27 -1.22 -39.93
C ASP B 392 -29.97 -2.35 -38.99
N GLN B 393 -31.01 -3.06 -38.55
CA GLN B 393 -30.87 -4.11 -37.56
C GLN B 393 -29.93 -3.70 -36.40
N PRO B 394 -30.29 -2.59 -35.72
CA PRO B 394 -29.49 -2.04 -34.61
C PRO B 394 -29.23 -3.03 -33.47
N GLU B 395 -29.98 -4.11 -33.44
CA GLU B 395 -29.86 -5.10 -32.38
C GLU B 395 -28.89 -6.23 -32.73
N GLN B 396 -28.57 -6.43 -34.00
CA GLN B 396 -27.53 -7.41 -34.31
C GLN B 396 -26.14 -6.73 -34.33
N PHE B 397 -25.11 -7.47 -33.91
CA PHE B 397 -23.77 -6.89 -33.83
C PHE B 397 -23.01 -6.99 -35.19
N ASN B 398 -22.97 -5.88 -35.93
CA ASN B 398 -22.40 -5.85 -37.29
C ASN B 398 -21.46 -4.67 -37.62
N PRO B 399 -20.14 -4.80 -37.29
CA PRO B 399 -19.10 -3.80 -37.61
C PRO B 399 -19.06 -3.32 -39.09
N GLU B 400 -19.56 -4.14 -40.00
CA GLU B 400 -19.57 -3.76 -41.40
C GLU B 400 -20.44 -2.53 -41.65
N ARG B 401 -21.37 -2.25 -40.75
CA ARG B 401 -22.21 -1.07 -40.87
C ARG B 401 -21.36 0.22 -40.89
N PHE B 402 -20.16 0.16 -40.31
CA PHE B 402 -19.19 1.26 -40.37
C PHE B 402 -18.22 1.09 -41.54
N LEU B 403 -18.32 -0.04 -42.24
CA LEU B 403 -17.67 -0.21 -43.53
C LEU B 403 -18.54 0.21 -44.71
N GLU B 404 -18.36 1.47 -45.07
CA GLU B 404 -18.30 1.90 -46.45
C GLU B 404 -16.94 2.58 -46.62
N PRO B 405 -16.52 3.33 -45.58
CA PRO B 405 -15.18 3.88 -45.45
C PRO B 405 -14.29 2.90 -44.70
N GLN B 412 -25.27 6.37 -38.83
CA GLN B 412 -23.83 6.58 -38.69
C GLN B 412 -23.47 8.06 -38.70
N SER B 413 -24.48 8.92 -38.62
CA SER B 413 -24.30 10.31 -38.21
C SER B 413 -25.03 10.55 -36.88
N SER B 414 -25.97 9.68 -36.54
CA SER B 414 -26.55 9.67 -35.22
C SER B 414 -25.70 8.70 -34.41
N PHE B 415 -24.45 9.09 -34.23
CA PHE B 415 -23.45 8.24 -33.60
C PHE B 415 -22.56 9.18 -32.83
N LEU B 416 -22.75 9.18 -31.52
CA LEU B 416 -22.03 10.04 -30.61
C LEU B 416 -21.61 9.27 -29.37
N PRO B 417 -20.52 8.49 -29.48
CA PRO B 417 -20.09 7.64 -28.37
C PRO B 417 -19.46 8.41 -27.22
N PHE B 418 -18.87 9.56 -27.51
CA PHE B 418 -18.18 10.36 -26.51
C PHE B 418 -18.92 11.66 -26.25
N GLY B 419 -20.10 11.81 -26.85
CA GLY B 419 -20.90 13.02 -26.66
C GLY B 419 -20.54 14.04 -27.72
N ALA B 420 -20.93 15.29 -27.48
CA ALA B 420 -20.72 16.35 -28.45
C ALA B 420 -20.92 17.73 -27.82
N GLY B 421 -20.37 18.73 -28.52
CA GLY B 421 -20.49 20.10 -28.08
C GLY B 421 -19.62 20.29 -26.86
N PRO B 422 -19.91 21.31 -26.03
CA PRO B 422 -18.96 21.78 -25.03
C PRO B 422 -18.54 20.77 -23.97
N ARG B 423 -19.41 19.79 -23.70
CA ARG B 423 -19.25 18.77 -22.70
C ARG B 423 -18.78 17.46 -23.29
N VAL B 424 -18.14 17.52 -24.44
CA VAL B 424 -17.61 16.31 -25.06
C VAL B 424 -16.54 15.68 -24.14
N CYS B 425 -16.34 14.38 -24.32
CA CYS B 425 -15.34 13.66 -23.57
C CYS B 425 -13.97 14.33 -23.71
N VAL B 426 -13.37 14.76 -22.61
CA VAL B 426 -11.97 15.26 -22.68
C VAL B 426 -10.96 14.13 -22.90
N GLY B 427 -11.34 12.89 -22.59
CA GLY B 427 -10.48 11.73 -22.82
C GLY B 427 -10.61 11.07 -24.19
N GLU B 428 -11.40 11.63 -25.09
CA GLU B 428 -11.71 10.90 -26.29
C GLU B 428 -10.41 10.42 -26.98
N SER B 429 -9.46 11.32 -27.23
CA SER B 429 -8.16 10.91 -27.80
C SER B 429 -7.53 9.80 -26.99
N LEU B 430 -7.38 10.09 -25.70
CA LEU B 430 -6.78 9.12 -24.82
C LEU B 430 -7.42 7.75 -25.06
N ALA B 431 -8.74 7.68 -24.91
CA ALA B 431 -9.44 6.40 -24.94
C ALA B 431 -9.34 5.69 -26.29
N ARG B 432 -9.47 6.46 -27.35
CA ARG B 432 -9.41 5.88 -28.68
C ARG B 432 -8.09 5.15 -28.87
N ILE B 433 -6.99 5.86 -28.63
CA ILE B 433 -5.65 5.29 -28.73
C ILE B 433 -5.55 4.08 -27.84
N GLU B 434 -5.90 4.30 -26.57
CA GLU B 434 -5.76 3.28 -25.54
C GLU B 434 -6.39 1.97 -26.03
N LEU B 435 -7.59 2.08 -26.62
CA LEU B 435 -8.36 0.91 -27.00
C LEU B 435 -7.81 0.22 -28.21
N PHE B 436 -7.36 1.01 -29.17
CA PHE B 436 -6.66 0.46 -30.33
C PHE B 436 -5.49 -0.40 -29.88
N LEU B 437 -4.54 0.22 -29.17
CA LEU B 437 -3.34 -0.45 -28.72
C LEU B 437 -3.69 -1.70 -27.92
N PHE B 438 -4.70 -1.58 -27.07
CA PHE B 438 -5.10 -2.74 -26.30
C PHE B 438 -5.64 -3.85 -27.17
N VAL B 439 -6.61 -3.59 -28.04
CA VAL B 439 -7.26 -4.69 -28.75
C VAL B 439 -6.38 -5.36 -29.82
N SER B 440 -5.63 -4.57 -30.58
CA SER B 440 -4.75 -5.15 -31.59
C SER B 440 -3.85 -6.22 -31.00
N ARG B 441 -3.17 -5.88 -29.91
CA ARG B 441 -2.18 -6.77 -29.28
C ARG B 441 -2.68 -8.12 -28.76
N PRO B 442 -3.77 -8.13 -27.98
CA PRO B 442 -4.30 -9.40 -27.57
C PRO B 442 -4.82 -10.20 -28.74
N LEU B 443 -5.36 -9.51 -29.75
CA LEU B 443 -5.78 -10.20 -30.95
C LEU B 443 -4.55 -10.64 -31.73
N GLN B 444 -3.56 -9.76 -31.85
CA GLN B 444 -2.25 -10.13 -32.40
C GLN B 444 -1.71 -11.40 -31.73
N ARG B 445 -1.47 -11.33 -30.42
CA ARG B 445 -0.87 -12.42 -29.66
C ARG B 445 -1.81 -13.61 -29.39
N PHE B 446 -3.10 -13.32 -29.17
CA PHE B 446 -4.02 -14.32 -28.62
C PHE B 446 -5.34 -14.53 -29.39
N SER B 447 -5.96 -15.67 -29.06
CA SER B 447 -7.25 -16.08 -29.55
C SER B 447 -8.08 -16.47 -28.31
N PHE B 448 -9.35 -16.10 -28.33
CA PHE B 448 -10.20 -16.19 -27.15
C PHE B 448 -11.42 -17.06 -27.42
N SER B 449 -11.56 -18.16 -26.70
CA SER B 449 -12.72 -19.02 -26.87
C SER B 449 -13.44 -19.24 -25.56
N CYS B 450 -14.68 -19.74 -25.67
CA CYS B 450 -15.51 -19.95 -24.50
C CYS B 450 -15.31 -21.34 -23.91
N PRO B 451 -14.66 -21.41 -22.73
CA PRO B 451 -14.29 -22.66 -22.09
C PRO B 451 -15.25 -23.79 -22.34
N SER B 452 -14.72 -24.98 -22.61
CA SER B 452 -15.52 -26.20 -22.74
C SER B 452 -16.85 -26.11 -22.00
N GLU B 453 -16.83 -25.66 -20.75
CA GLU B 453 -18.04 -25.67 -19.93
C GLU B 453 -18.28 -24.41 -19.07
N ALA B 454 -18.03 -23.25 -19.65
CA ALA B 454 -18.63 -22.00 -19.17
C ALA B 454 -19.63 -21.48 -20.23
N SER B 455 -20.53 -20.60 -19.80
CA SER B 455 -21.55 -20.06 -20.68
C SER B 455 -20.95 -19.03 -21.59
N LEU B 456 -21.50 -18.92 -22.80
CA LEU B 456 -21.20 -17.77 -23.63
C LEU B 456 -21.54 -16.58 -22.76
N PRO B 457 -20.72 -15.53 -22.81
CA PRO B 457 -21.02 -14.39 -21.94
C PRO B 457 -22.39 -13.78 -22.24
N ASP B 458 -23.04 -13.30 -21.18
CA ASP B 458 -24.32 -12.67 -21.32
C ASP B 458 -24.18 -11.24 -21.81
N LEU B 459 -24.86 -10.97 -22.91
CA LEU B 459 -24.81 -9.68 -23.54
C LEU B 459 -25.92 -8.74 -23.08
N GLN B 460 -26.68 -9.13 -22.04
CA GLN B 460 -27.75 -8.25 -21.50
C GLN B 460 -27.06 -7.07 -20.84
N GLY B 461 -26.13 -7.35 -19.94
CA GLY B 461 -25.35 -6.31 -19.32
C GLY B 461 -26.05 -5.77 -18.11
N ARG B 462 -25.27 -5.18 -17.22
CA ARG B 462 -25.77 -4.73 -15.93
C ARG B 462 -25.21 -3.34 -15.72
N PHE B 463 -25.88 -2.57 -14.87
CA PHE B 463 -25.43 -1.23 -14.59
C PHE B 463 -24.79 -1.18 -13.24
N GLY B 464 -23.49 -0.90 -13.21
CA GLY B 464 -22.83 -0.47 -12.00
C GLY B 464 -22.81 1.03 -12.07
N VAL B 465 -21.63 1.58 -12.31
CA VAL B 465 -21.51 2.98 -12.65
C VAL B 465 -21.38 3.12 -14.19
N VAL B 466 -21.32 2.00 -14.90
CA VAL B 466 -21.42 1.95 -16.34
C VAL B 466 -22.14 0.70 -16.74
N LEU B 467 -22.55 0.66 -17.99
CA LEU B 467 -23.27 -0.47 -18.49
C LEU B 467 -22.22 -1.50 -18.89
N GLN B 468 -22.14 -2.61 -18.15
CA GLN B 468 -21.01 -3.55 -18.29
C GLN B 468 -21.49 -4.99 -18.38
N PRO B 469 -20.73 -5.86 -19.07
CA PRO B 469 -21.16 -7.26 -19.10
C PRO B 469 -21.10 -7.85 -17.71
N GLU B 470 -21.97 -8.82 -17.42
CA GLU B 470 -21.79 -9.69 -16.25
C GLU B 470 -20.41 -10.33 -16.36
N ARG B 471 -19.78 -10.68 -15.24
CA ARG B 471 -18.46 -11.34 -15.31
C ARG B 471 -18.57 -12.63 -16.15
N TYR B 472 -17.50 -13.00 -16.86
CA TYR B 472 -17.49 -14.20 -17.70
C TYR B 472 -16.07 -14.75 -17.87
N THR B 473 -15.96 -16.04 -18.23
CA THR B 473 -14.65 -16.72 -18.34
C THR B 473 -14.18 -16.92 -19.79
N VAL B 474 -12.95 -16.53 -20.08
CA VAL B 474 -12.38 -16.74 -21.40
C VAL B 474 -11.23 -17.73 -21.40
N THR B 475 -11.15 -18.52 -22.46
CA THR B 475 -10.01 -19.38 -22.74
C THR B 475 -9.11 -18.65 -23.72
N VAL B 476 -7.85 -18.49 -23.33
CA VAL B 476 -6.81 -17.77 -24.08
C VAL B 476 -5.79 -18.78 -24.56
N THR B 477 -5.36 -18.73 -25.83
CA THR B 477 -4.48 -19.81 -26.34
C THR B 477 -3.08 -19.46 -26.90
N PRO B 478 -3.01 -19.05 -28.18
CA PRO B 478 -1.76 -19.22 -28.96
C PRO B 478 -0.78 -18.12 -28.68
CHA HEM C . 17.83 -0.05 20.90
CHB HEM C . 17.87 -4.16 23.37
CHC HEM C . 13.37 -5.08 21.87
CHD HEM C . 13.14 -0.74 19.83
C1A HEM C . 18.22 -1.09 21.69
C2A HEM C . 19.56 -1.35 22.11
C3A HEM C . 19.53 -2.52 22.81
C4A HEM C . 18.20 -2.96 22.83
CMA HEM C . 20.66 -3.23 23.50
CAA HEM C . 20.80 -0.56 21.82
CBA HEM C . 20.83 0.86 22.28
CGA HEM C . 22.20 1.34 21.89
O1A HEM C . 23.06 1.65 22.73
O2A HEM C . 22.46 1.40 20.69
C1B HEM C . 16.65 -4.77 23.11
C2B HEM C . 16.38 -6.09 23.55
C3B HEM C . 15.12 -6.37 23.15
C4B HEM C . 14.64 -5.20 22.41
CMB HEM C . 17.26 -7.03 24.33
CAB HEM C . 14.54 -7.69 23.43
CBB HEM C . 13.42 -8.15 22.91
C1C HEM C . 12.88 -3.95 21.21
C2C HEM C . 11.55 -3.79 20.75
C3C HEM C . 11.48 -2.55 20.16
C4C HEM C . 12.76 -1.94 20.28
CMC HEM C . 10.39 -4.78 20.87
CAC HEM C . 10.22 -2.08 19.56
CBC HEM C . 10.01 -0.93 18.91
C1D HEM C . 14.46 -0.28 19.98
C2D HEM C . 14.85 0.96 19.33
C3D HEM C . 16.12 1.17 19.59
C4D HEM C . 16.53 0.03 20.42
CMD HEM C . 14.02 1.88 18.48
CAD HEM C . 16.91 2.34 19.09
CBD HEM C . 17.33 3.35 20.16
CGD HEM C . 18.45 4.18 19.55
O1D HEM C . 18.51 5.37 19.90
NA HEM C . 17.40 -2.11 22.12
NB HEM C . 15.60 -4.26 22.50
NC HEM C . 13.58 -2.81 20.93
ND HEM C . 15.49 -0.78 20.66
FE HEM C . 15.54 -2.41 21.55
C1 STR D . 16.96 -5.96 12.20
C2 STR D . 16.14 -6.27 10.96
C3 STR D . 15.45 -5.20 10.47
O3 STR D . 14.48 -5.39 9.74
C4 STR D . 15.83 -3.88 10.76
C5 STR D . 16.87 -3.57 11.62
C6 STR D . 17.15 -2.21 11.86
C7 STR D . 17.08 -1.86 13.33
C8 STR D . 18.02 -2.76 14.08
C9 STR D . 17.74 -4.22 13.78
C10 STR D . 17.67 -4.56 12.26
C11 STR D . 18.75 -5.16 14.55
C12 STR D . 18.62 -4.90 16.04
C13 STR D . 18.90 -3.44 16.34
C14 STR D . 17.81 -2.65 15.62
C15 STR D . 17.91 -1.27 16.24
C16 STR D . 18.34 -1.54 17.71
C17 STR D . 18.66 -3.05 17.82
C18 STR D . 20.33 -3.08 15.90
C19 STR D . 19.07 -4.63 11.62
C20 STR D . 19.84 -3.41 18.81
O20 STR D . 19.73 -4.38 19.57
C21 STR D . 21.18 -2.59 18.83
CHA HEM E . -17.36 12.57 -20.50
CHB HEM E . -17.60 8.59 -23.16
CHC HEM E . -13.20 7.39 -21.73
CHD HEM E . -12.79 11.50 -19.31
C1A HEM E . -17.82 11.59 -21.34
C2A HEM E . -19.18 11.46 -21.82
C3A HEM E . -19.21 10.34 -22.56
C4A HEM E . -17.90 9.78 -22.53
CMA HEM E . -20.37 9.75 -23.32
CAA HEM E . -20.41 12.33 -21.58
CBA HEM E . -20.28 13.80 -21.94
CGA HEM E . -21.59 14.49 -21.77
O1A HEM E . -22.03 15.23 -22.68
O2A HEM E . -22.26 14.35 -20.73
C1B HEM E . -16.43 7.92 -22.97
C2B HEM E . -16.20 6.66 -23.55
C3B HEM E . -14.96 6.28 -23.18
C4B HEM E . -14.45 7.38 -22.32
CMB HEM E . -17.08 5.82 -24.45
CAB HEM E . -14.40 4.97 -23.59
CBB HEM E . -13.30 4.43 -23.12
C1C HEM E . -12.69 8.41 -20.97
C2C HEM E . -11.40 8.42 -20.45
C3C HEM E . -11.24 9.58 -19.75
C4C HEM E . -12.47 10.30 -19.87
CMC HEM E . -10.35 7.36 -20.64
CAC HEM E . -9.95 9.89 -19.08
CBC HEM E . -9.67 10.97 -18.36
C1D HEM E . -14.04 12.07 -19.45
C2D HEM E . -14.36 13.33 -18.75
C3D HEM E . -15.64 13.62 -19.09
C4D HEM E . -16.09 12.54 -19.98
CMD HEM E . -13.47 14.13 -17.85
CAD HEM E . -16.45 14.81 -18.65
CBD HEM E . -16.59 15.82 -19.79
CGD HEM E . -17.84 16.65 -19.55
O1D HEM E . -17.75 17.86 -19.19
NA HEM E . -17.07 10.53 -21.75
NB HEM E . -15.38 8.32 -22.30
NC HEM E . -13.32 9.54 -20.62
ND HEM E . -15.09 11.66 -20.19
FE HEM E . -15.22 10.09 -21.19
C1 STR F . -17.38 6.36 -11.56
C2 STR F . -16.59 6.00 -10.28
C3 STR F . -15.77 7.01 -9.79
O3 STR F . -14.87 6.75 -8.99
C4 STR F . -15.95 8.33 -10.19
C5 STR F . -16.92 8.76 -11.11
C6 STR F . -17.00 10.15 -11.38
C7 STR F . -16.83 10.46 -12.84
C8 STR F . -17.83 9.67 -13.65
C9 STR F . -17.72 8.16 -13.30
C10 STR F . -17.83 7.86 -11.75
C11 STR F . -18.71 7.33 -14.19
C12 STR F . -18.31 7.56 -15.64
C13 STR F . -18.44 9.03 -15.97
C14 STR F . -17.46 9.80 -15.11
C15 STR F . -17.49 11.22 -15.67
C16 STR F . -17.76 10.97 -17.17
C17 STR F . -17.90 9.42 -17.32
C18 STR F . -19.92 9.46 -15.83
C19 STR F . -19.24 8.09 -11.19
C20 STR F . -18.83 8.91 -18.41
O20 STR F . -18.79 7.72 -18.74
C21 STR F . -19.81 9.86 -19.06
#